data_2JF7
#
_entry.id   2JF7
#
_cell.length_a   157.630
_cell.length_b   157.630
_cell.length_c   103.590
_cell.angle_alpha   90.00
_cell.angle_beta   90.00
_cell.angle_gamma   90.00
#
_symmetry.space_group_name_H-M   'P 4 21 2'
#
loop_
_entity.id
_entity.type
_entity.pdbx_description
1 polymer STRICTOSIDINE-O-BETA-D-GLUCOSIDASE
2 water water
#
_entity_poly.entity_id   1
_entity_poly.type   'polypeptide(L)'
_entity_poly.pdbx_seq_one_letter_code
;MDNTQAEPLVVAIVPKPNASTEHTNSHLIPVTRSKIVVHRRDFPQDFIFGAGGSAYQCEGAYNEGNRGPSIWDTFTQRSP
AKISDGSNGNQAINCYHMYKEDIKIMKQTGLESYRFSISWSRVLPGGRLAAGVNKDGVKFYHDFIDELLANGIKPSVTLF
HWDLPQALEDEYGGFLSHRIVDDFCEYAEFCFWEFGDKIKYWTTFNEPHTFAVNGYALGEFAPGRGGKGDEGDPAIEPYV
VTHNILLAHKAAVEEYRNKFQKCQEGEIGIVLNSMWMEPLSDVQADIDAQKRALDFMLGWFLEPLTTGDYPKSMRELVKG
RLPKFSADDSEKLKGCYDFIGMNYYTATYVTNAVKSNSEKLSYETDDQVTKTFERNQKPIGHALYGGWQHVVPWGLYKLL
VYTKETYHVPVLYVTESGMVEENKTKILLSEARRDAERTDYHQKHLASVRDAIDDGVNVKGYFVWSFFDNFEWNLGYICR
YGIIHVDYKSFERYPKESAIWYKNFIAGKSTTSPAKRRREEAQVELVKRQKT
;
_entity_poly.pdbx_strand_id   A,B
#
# COMPACT_ATOMS: atom_id res chain seq x y z
N VAL A 37 -20.11 -22.52 -22.69
CA VAL A 37 -20.43 -23.19 -23.99
C VAL A 37 -19.40 -22.79 -25.07
N VAL A 38 -18.13 -22.98 -24.73
CA VAL A 38 -17.00 -22.93 -25.67
C VAL A 38 -15.90 -23.82 -25.11
N HIS A 39 -15.27 -24.60 -25.97
CA HIS A 39 -14.27 -25.59 -25.54
C HIS A 39 -13.01 -25.49 -26.39
N ARG A 40 -11.95 -26.22 -26.02
CA ARG A 40 -10.66 -26.10 -26.73
C ARG A 40 -10.74 -26.62 -28.17
N ARG A 41 -11.53 -27.67 -28.36
CA ARG A 41 -11.69 -28.31 -29.67
C ARG A 41 -12.30 -27.41 -30.74
N ASP A 42 -12.87 -26.28 -30.34
CA ASP A 42 -13.46 -25.31 -31.25
C ASP A 42 -12.40 -24.50 -32.00
N PHE A 43 -11.13 -24.63 -31.57
CA PHE A 43 -10.02 -23.83 -32.12
C PHE A 43 -9.05 -24.73 -32.83
N PRO A 44 -8.34 -24.23 -33.84
CA PRO A 44 -7.38 -25.07 -34.59
C PRO A 44 -6.34 -25.71 -33.66
N GLN A 45 -5.73 -26.80 -34.11
CA GLN A 45 -4.69 -27.46 -33.33
C GLN A 45 -3.57 -26.55 -32.83
N ASP A 46 -3.04 -25.69 -33.69
CA ASP A 46 -1.82 -24.94 -33.33
C ASP A 46 -2.05 -23.55 -32.63
N PHE A 47 -3.29 -23.06 -32.63
CA PHE A 47 -3.67 -21.92 -31.76
C PHE A 47 -2.94 -21.89 -30.42
N ILE A 48 -2.41 -20.72 -30.04
CA ILE A 48 -1.68 -20.55 -28.77
C ILE A 48 -2.56 -19.94 -27.68
N PHE A 49 -2.55 -20.57 -26.51
CA PHE A 49 -3.25 -19.98 -25.36
C PHE A 49 -2.29 -19.49 -24.30
N GLY A 50 -2.31 -18.20 -24.03
CA GLY A 50 -1.32 -17.61 -23.14
C GLY A 50 -1.83 -16.51 -22.26
N ALA A 51 -0.88 -15.83 -21.64
CA ALA A 51 -1.15 -14.62 -20.85
C ALA A 51 0.07 -13.71 -20.91
N GLY A 52 -0.01 -12.55 -20.28
CA GLY A 52 1.10 -11.61 -20.34
C GLY A 52 1.16 -10.60 -19.22
N GLY A 53 2.23 -9.80 -19.27
CA GLY A 53 2.48 -8.69 -18.34
C GLY A 53 3.50 -7.79 -19.02
N SER A 54 3.85 -6.66 -18.38
CA SER A 54 4.88 -5.77 -18.94
C SER A 54 5.91 -5.42 -17.87
N ALA A 55 7.10 -4.99 -18.29
CA ALA A 55 8.19 -4.73 -17.33
C ALA A 55 7.77 -3.80 -16.19
N TYR A 56 7.32 -2.60 -16.54
CA TYR A 56 7.10 -1.58 -15.53
C TYR A 56 5.92 -1.90 -14.65
N GLN A 57 4.94 -2.64 -15.15
CA GLN A 57 3.80 -2.97 -14.33
C GLN A 57 4.08 -4.08 -13.31
N CYS A 58 5.13 -4.87 -13.53
CA CYS A 58 5.36 -6.11 -12.78
C CYS A 58 6.70 -6.20 -12.08
N GLU A 59 7.76 -5.77 -12.76
CA GLU A 59 9.10 -6.09 -12.30
C GLU A 59 9.43 -5.58 -10.90
N GLY A 60 9.14 -4.31 -10.63
CA GLY A 60 9.66 -3.68 -9.44
C GLY A 60 11.18 -3.54 -9.55
N ALA A 61 11.86 -3.51 -8.40
CA ALA A 61 13.30 -3.38 -8.37
C ALA A 61 13.77 -2.26 -9.30
N TYR A 62 13.04 -1.14 -9.31
CA TYR A 62 13.33 -0.03 -10.23
C TYR A 62 14.76 0.52 -10.08
N ASN A 63 15.30 0.44 -8.86
CA ASN A 63 16.62 0.98 -8.53
C ASN A 63 17.63 -0.11 -8.07
N GLU A 64 17.41 -1.35 -8.52
CA GLU A 64 18.27 -2.49 -8.22
C GLU A 64 18.83 -3.09 -9.53
N GLY A 65 19.85 -3.96 -9.41
CA GLY A 65 20.52 -4.55 -10.55
C GLY A 65 20.93 -3.51 -11.60
N ASN A 66 21.16 -2.28 -11.14
CA ASN A 66 21.64 -1.17 -11.96
C ASN A 66 20.76 -0.68 -13.10
N ARG A 67 19.45 -0.87 -12.95
CA ARG A 67 18.48 -0.35 -13.90
C ARG A 67 18.55 1.17 -13.93
N GLY A 68 18.52 1.76 -15.13
CA GLY A 68 18.43 3.20 -15.33
C GLY A 68 16.96 3.59 -15.27
N PRO A 69 16.64 4.84 -14.93
CA PRO A 69 15.23 5.25 -14.82
C PRO A 69 14.55 5.33 -16.20
N SER A 70 13.24 5.06 -16.20
CA SER A 70 12.42 5.21 -17.41
C SER A 70 11.52 6.40 -17.20
N ILE A 71 10.82 6.83 -18.24
CA ILE A 71 9.90 7.98 -18.15
C ILE A 71 8.74 7.68 -17.24
N TRP A 72 8.45 6.40 -17.03
CA TRP A 72 7.40 6.04 -16.10
C TRP A 72 7.83 6.14 -14.65
N ASP A 73 9.11 5.88 -14.36
CA ASP A 73 9.66 6.19 -13.04
C ASP A 73 9.56 7.69 -12.75
N THR A 74 10.13 8.49 -13.65
CA THR A 74 10.09 9.94 -13.60
C THR A 74 8.66 10.48 -13.38
N PHE A 75 7.75 10.10 -14.27
CA PHE A 75 6.39 10.60 -14.27
C PHE A 75 5.73 10.40 -12.91
N THR A 76 5.88 9.18 -12.40
CA THR A 76 5.19 8.76 -11.20
C THR A 76 5.82 9.34 -9.92
N GLN A 77 7.13 9.59 -9.95
CA GLN A 77 7.81 10.18 -8.82
C GLN A 77 7.80 11.72 -8.82
N ARG A 78 7.99 12.35 -9.99
CA ARG A 78 7.94 13.81 -10.08
C ARG A 78 6.49 14.35 -9.99
N SER A 79 5.52 13.58 -10.49
CA SER A 79 4.10 14.01 -10.54
C SER A 79 3.13 12.99 -9.95
N PRO A 80 3.23 12.63 -8.68
CA PRO A 80 2.34 11.59 -8.14
C PRO A 80 0.84 11.96 -8.21
N ALA A 81 0.52 13.26 -8.20
CA ALA A 81 -0.89 13.70 -8.37
C ALA A 81 -1.52 13.19 -9.68
N LYS A 82 -0.71 13.03 -10.72
CA LYS A 82 -1.16 12.47 -11.99
C LYS A 82 -1.63 11.00 -11.90
N ILE A 83 -1.29 10.31 -10.81
CA ILE A 83 -1.72 8.93 -10.55
C ILE A 83 -2.89 8.90 -9.56
N SER A 84 -3.87 8.04 -9.82
CA SER A 84 -5.09 7.97 -9.00
C SER A 84 -4.84 7.90 -7.49
N ASP A 85 -3.81 7.19 -7.05
CA ASP A 85 -3.54 7.07 -5.61
C ASP A 85 -2.10 7.43 -5.22
N GLY A 86 -1.43 8.15 -6.12
CA GLY A 86 -0.08 8.65 -5.89
C GLY A 86 0.99 7.59 -5.95
N SER A 87 0.60 6.37 -6.29
CA SER A 87 1.50 5.21 -6.27
C SER A 87 2.43 5.18 -7.48
N ASN A 88 3.31 4.18 -7.54
CA ASN A 88 4.29 4.05 -8.60
C ASN A 88 4.71 2.58 -8.87
N GLY A 89 5.59 2.39 -9.86
CA GLY A 89 6.10 1.04 -10.13
C GLY A 89 7.37 0.69 -9.39
N ASN A 90 7.68 1.40 -8.31
CA ASN A 90 8.94 1.22 -7.59
C ASN A 90 9.18 -0.25 -7.23
N GLN A 91 8.20 -0.85 -6.52
CA GLN A 91 8.15 -2.28 -6.28
C GLN A 91 7.22 -3.00 -7.26
N ALA A 92 6.28 -2.28 -7.86
CA ALA A 92 5.27 -2.92 -8.71
C ALA A 92 4.69 -4.14 -7.97
N ILE A 93 4.79 -5.33 -8.57
CA ILE A 93 4.47 -6.56 -7.85
C ILE A 93 5.67 -7.48 -7.69
N ASN A 94 6.86 -6.92 -7.84
CA ASN A 94 8.09 -7.59 -7.43
C ASN A 94 8.45 -8.84 -8.25
N CYS A 95 8.01 -8.85 -9.50
CA CYS A 95 8.29 -9.95 -10.39
C CYS A 95 9.80 -10.24 -10.56
N TYR A 96 10.63 -9.19 -10.53
CA TYR A 96 12.05 -9.32 -10.72
C TYR A 96 12.72 -10.23 -9.69
N HIS A 97 12.19 -10.28 -8.47
CA HIS A 97 12.78 -11.16 -7.45
C HIS A 97 12.01 -12.46 -7.34
N MET A 98 10.76 -12.45 -7.81
CA MET A 98 9.85 -13.56 -7.58
C MET A 98 9.56 -14.39 -8.84
N TYR A 99 10.39 -14.24 -9.87
CA TYR A 99 10.13 -14.92 -11.14
C TYR A 99 10.05 -16.46 -11.09
N LYS A 100 10.86 -17.14 -10.29
CA LYS A 100 10.80 -18.60 -10.19
C LYS A 100 9.42 -19.09 -9.75
N GLU A 101 8.87 -18.45 -8.72
CA GLU A 101 7.52 -18.77 -8.26
C GLU A 101 6.48 -18.32 -9.31
N ASP A 102 6.71 -17.20 -9.99
CA ASP A 102 5.73 -16.73 -11.01
C ASP A 102 5.53 -17.76 -12.13
N ILE A 103 6.64 -18.29 -12.61
CA ILE A 103 6.66 -19.26 -13.68
C ILE A 103 6.06 -20.59 -13.21
N LYS A 104 6.29 -20.96 -11.94
CA LYS A 104 5.59 -22.09 -11.34
C LYS A 104 4.05 -21.92 -11.42
N ILE A 105 3.58 -20.70 -11.14
CA ILE A 105 2.15 -20.37 -11.26
C ILE A 105 1.66 -20.36 -12.72
N MET A 106 2.54 -20.00 -13.63
CA MET A 106 2.16 -20.04 -15.04
C MET A 106 1.89 -21.49 -15.47
N LYS A 107 2.79 -22.40 -15.10
CA LYS A 107 2.66 -23.80 -15.43
C LYS A 107 1.46 -24.48 -14.75
N GLN A 108 1.16 -24.09 -13.51
CA GLN A 108 -0.05 -24.58 -12.82
C GLN A 108 -1.31 -24.16 -13.56
N THR A 109 -1.24 -22.99 -14.21
CA THR A 109 -2.32 -22.51 -15.04
C THR A 109 -2.37 -23.22 -16.41
N GLY A 110 -1.24 -23.80 -16.84
CA GLY A 110 -1.15 -24.47 -18.14
C GLY A 110 -0.77 -23.51 -19.26
N LEU A 111 -0.30 -22.33 -18.89
CA LEU A 111 0.08 -21.36 -19.89
C LEU A 111 0.96 -22.03 -20.96
N GLU A 112 0.63 -21.79 -22.22
CA GLU A 112 1.45 -22.37 -23.29
C GLU A 112 2.56 -21.40 -23.67
N SER A 113 2.29 -20.11 -23.46
CA SER A 113 3.25 -19.07 -23.77
C SER A 113 2.99 -17.87 -22.85
N TYR A 114 4.05 -17.14 -22.49
CA TYR A 114 3.93 -15.91 -21.68
C TYR A 114 4.51 -14.75 -22.44
N ARG A 115 3.75 -13.66 -22.50
CA ARG A 115 4.19 -12.46 -23.17
C ARG A 115 4.69 -11.50 -22.14
N PHE A 116 5.95 -11.12 -22.25
CA PHE A 116 6.51 -10.15 -21.32
C PHE A 116 7.32 -9.12 -22.12
N SER A 117 7.75 -8.07 -21.44
CA SER A 117 8.49 -7.02 -22.13
C SER A 117 9.82 -6.78 -21.43
N ILE A 118 10.82 -6.35 -22.21
CA ILE A 118 12.13 -6.00 -21.67
C ILE A 118 12.15 -4.52 -21.34
N SER A 119 12.59 -4.19 -20.13
CA SER A 119 12.75 -2.79 -19.76
C SER A 119 14.04 -2.31 -20.42
N TRP A 120 13.85 -1.47 -21.44
CA TRP A 120 14.94 -0.93 -22.25
C TRP A 120 16.09 -0.39 -21.39
N SER A 121 15.75 0.34 -20.34
CA SER A 121 16.73 0.94 -19.46
C SER A 121 17.19 -0.07 -18.40
N ARG A 122 16.60 -1.25 -18.36
CA ARG A 122 17.18 -2.23 -17.46
C ARG A 122 18.38 -2.88 -18.11
N VAL A 123 18.39 -2.95 -19.46
CA VAL A 123 19.50 -3.53 -20.20
C VAL A 123 20.49 -2.46 -20.68
N LEU A 124 19.96 -1.28 -21.00
CA LEU A 124 20.79 -0.14 -21.39
C LEU A 124 20.40 1.05 -20.56
N PRO A 125 21.06 1.25 -19.41
CA PRO A 125 20.60 2.24 -18.43
C PRO A 125 20.52 3.69 -18.94
N GLY A 126 21.32 4.00 -19.96
CA GLY A 126 21.22 5.28 -20.64
C GLY A 126 20.57 5.25 -22.02
N GLY A 127 19.86 4.18 -22.37
CA GLY A 127 19.20 4.08 -23.65
C GLY A 127 20.12 3.88 -24.83
N ARG A 128 21.10 4.77 -24.97
CA ARG A 128 22.17 4.64 -25.98
C ARG A 128 23.18 3.60 -25.57
N LEU A 129 23.91 3.11 -26.55
CA LEU A 129 25.02 2.17 -26.37
C LEU A 129 26.23 2.73 -25.61
N ALA A 130 26.56 4.01 -25.85
CA ALA A 130 27.72 4.63 -25.23
C ALA A 130 27.63 4.67 -23.71
N ALA A 131 26.39 4.73 -23.19
CA ALA A 131 26.16 4.73 -21.76
C ALA A 131 26.40 3.35 -21.15
N GLY A 132 26.51 2.32 -21.99
CA GLY A 132 26.97 1.01 -21.54
C GLY A 132 25.88 -0.04 -21.37
N VAL A 133 26.23 -1.31 -21.51
CA VAL A 133 25.27 -2.38 -21.30
C VAL A 133 25.33 -2.92 -19.87
N ASN A 134 24.17 -3.04 -19.24
CA ASN A 134 24.12 -3.48 -17.86
C ASN A 134 24.05 -5.01 -17.70
N LYS A 135 25.16 -5.60 -17.30
CA LYS A 135 25.19 -7.05 -17.13
C LYS A 135 24.13 -7.64 -16.18
N ASP A 136 23.77 -6.98 -15.08
CA ASP A 136 22.77 -7.57 -14.18
C ASP A 136 21.44 -7.66 -14.87
N GLY A 137 21.17 -6.67 -15.72
CA GLY A 137 19.95 -6.61 -16.51
C GLY A 137 19.83 -7.79 -17.47
N VAL A 138 20.85 -8.00 -18.30
CA VAL A 138 20.87 -9.12 -19.26
C VAL A 138 20.86 -10.50 -18.58
N LYS A 139 21.48 -10.62 -17.41
CA LYS A 139 21.42 -11.86 -16.65
C LYS A 139 19.98 -12.16 -16.22
N PHE A 140 19.27 -11.15 -15.71
CA PHE A 140 17.87 -11.31 -15.35
C PHE A 140 17.08 -11.91 -16.51
N TYR A 141 17.08 -11.21 -17.66
CA TYR A 141 16.30 -11.66 -18.79
C TYR A 141 16.69 -13.07 -19.24
N HIS A 142 17.99 -13.35 -19.32
CA HIS A 142 18.47 -14.72 -19.54
C HIS A 142 17.90 -15.73 -18.55
N ASP A 143 17.86 -15.37 -17.27
CA ASP A 143 17.33 -16.28 -16.24
C ASP A 143 15.83 -16.44 -16.40
N PHE A 144 15.16 -15.37 -16.80
CA PHE A 144 13.71 -15.40 -16.96
C PHE A 144 13.35 -16.33 -18.15
N ILE A 145 14.01 -16.09 -19.29
CA ILE A 145 13.82 -16.88 -20.49
C ILE A 145 14.11 -18.36 -20.23
N ASP A 146 15.30 -18.66 -19.72
CA ASP A 146 15.65 -20.06 -19.48
C ASP A 146 14.64 -20.75 -18.57
N GLU A 147 14.10 -20.00 -17.61
CA GLU A 147 13.20 -20.56 -16.62
C GLU A 147 11.83 -20.86 -17.24
N LEU A 148 11.36 -19.98 -18.13
CA LEU A 148 10.16 -20.24 -18.91
C LEU A 148 10.28 -21.53 -19.74
N LEU A 149 11.37 -21.62 -20.49
CA LEU A 149 11.58 -22.75 -21.38
C LEU A 149 11.71 -24.05 -20.58
N ALA A 150 12.34 -24.00 -19.41
CA ALA A 150 12.49 -25.20 -18.57
C ALA A 150 11.14 -25.66 -18.06
N ASN A 151 10.15 -24.78 -18.09
CA ASN A 151 8.79 -25.19 -17.69
C ASN A 151 7.81 -25.41 -18.86
N GLY A 152 8.34 -25.51 -20.07
CA GLY A 152 7.54 -25.74 -21.26
C GLY A 152 6.72 -24.54 -21.69
N ILE A 153 7.08 -23.35 -21.21
CA ILE A 153 6.34 -22.13 -21.58
C ILE A 153 7.15 -21.32 -22.57
N LYS A 154 6.51 -20.96 -23.68
CA LYS A 154 7.19 -20.28 -24.77
C LYS A 154 7.33 -18.80 -24.47
N PRO A 155 8.56 -18.29 -24.41
CA PRO A 155 8.78 -16.86 -24.21
C PRO A 155 8.39 -16.07 -25.46
N SER A 156 7.64 -14.99 -25.29
CA SER A 156 7.35 -14.10 -26.40
C SER A 156 7.54 -12.69 -25.87
N VAL A 157 8.28 -11.87 -26.61
CA VAL A 157 8.92 -10.70 -26.01
C VAL A 157 8.56 -9.42 -26.72
N THR A 158 8.20 -8.38 -25.94
CA THR A 158 7.96 -7.02 -26.45
C THR A 158 9.16 -6.13 -26.11
N LEU A 159 9.71 -5.44 -27.10
CA LEU A 159 10.87 -4.57 -26.85
C LEU A 159 10.44 -3.29 -26.11
N PHE A 160 9.28 -2.76 -26.46
CA PHE A 160 8.88 -1.45 -25.96
C PHE A 160 7.45 -1.41 -25.46
N HIS A 161 7.27 -1.45 -24.16
CA HIS A 161 5.97 -1.21 -23.56
C HIS A 161 6.04 0.06 -22.69
N TRP A 162 6.34 1.20 -23.35
CA TRP A 162 6.16 2.55 -22.83
C TRP A 162 7.28 3.09 -21.92
N ASP A 163 8.05 2.19 -21.32
CA ASP A 163 9.11 2.55 -20.37
C ASP A 163 10.41 2.96 -21.10
N LEU A 164 10.34 4.10 -21.77
CA LEU A 164 11.46 4.62 -22.52
C LEU A 164 12.50 5.10 -21.51
N PRO A 165 13.78 4.80 -21.76
CA PRO A 165 14.87 5.29 -20.88
C PRO A 165 14.74 6.80 -20.69
N GLN A 166 14.76 7.26 -19.45
CA GLN A 166 14.65 8.68 -19.17
C GLN A 166 15.78 9.47 -19.87
N ALA A 167 16.92 8.82 -20.02
CA ALA A 167 18.10 9.40 -20.63
C ALA A 167 17.77 9.94 -22.01
N LEU A 168 16.96 9.17 -22.75
CA LEU A 168 16.63 9.48 -24.13
C LEU A 168 15.56 10.57 -24.23
N GLU A 169 14.55 10.48 -23.37
CA GLU A 169 13.61 11.57 -23.19
C GLU A 169 14.33 12.91 -22.99
N ASP A 170 15.35 12.89 -22.15
CA ASP A 170 16.04 14.12 -21.78
C ASP A 170 17.02 14.61 -22.85
N GLU A 171 17.81 13.70 -23.42
CA GLU A 171 18.76 14.09 -24.45
C GLU A 171 18.08 14.76 -25.67
N TYR A 172 16.96 14.20 -26.15
CA TYR A 172 16.35 14.75 -27.37
C TYR A 172 14.83 14.66 -27.48
N GLY A 173 14.12 14.56 -26.36
CA GLY A 173 12.67 14.51 -26.39
C GLY A 173 12.05 13.16 -26.73
N GLY A 174 12.86 12.10 -26.66
CA GLY A 174 12.43 10.75 -26.99
C GLY A 174 11.87 10.61 -28.40
N PHE A 175 10.61 10.19 -28.49
CA PHE A 175 9.94 9.94 -29.77
C PHE A 175 9.55 11.22 -30.53
N LEU A 176 9.83 12.37 -29.93
CA LEU A 176 9.63 13.67 -30.58
C LEU A 176 10.74 13.94 -31.61
N SER A 177 11.81 13.14 -31.53
CA SER A 177 12.97 13.26 -32.41
C SER A 177 13.21 12.02 -33.26
N HIS A 178 13.60 12.25 -34.51
CA HIS A 178 13.97 11.17 -35.41
C HIS A 178 15.21 10.42 -34.91
N ARG A 179 15.97 11.04 -34.02
CA ARG A 179 17.10 10.38 -33.35
C ARG A 179 16.69 9.06 -32.66
N ILE A 180 15.42 8.93 -32.27
CA ILE A 180 14.92 7.72 -31.61
C ILE A 180 15.08 6.46 -32.48
N VAL A 181 15.00 6.61 -33.81
CA VAL A 181 15.02 5.46 -34.72
C VAL A 181 16.31 4.65 -34.56
N ASP A 182 17.47 5.27 -34.75
CA ASP A 182 18.74 4.59 -34.63
C ASP A 182 18.98 3.94 -33.26
N ASP A 183 18.63 4.64 -32.17
CA ASP A 183 18.83 4.10 -30.81
C ASP A 183 17.90 2.94 -30.53
N PHE A 184 16.65 3.05 -30.98
CA PHE A 184 15.74 1.91 -30.91
C PHE A 184 16.29 0.72 -31.71
N CYS A 185 16.91 1.01 -32.85
CA CYS A 185 17.44 -0.05 -33.71
C CYS A 185 18.60 -0.79 -33.05
N GLU A 186 19.52 -0.06 -32.44
CA GLU A 186 20.62 -0.66 -31.68
C GLU A 186 20.08 -1.55 -30.56
N TYR A 187 19.09 -1.02 -29.82
CA TYR A 187 18.46 -1.72 -28.71
C TYR A 187 17.84 -3.03 -29.19
N ALA A 188 17.09 -2.95 -30.30
CA ALA A 188 16.50 -4.13 -30.90
C ALA A 188 17.59 -5.15 -31.34
N GLU A 189 18.60 -4.66 -32.04
CA GLU A 189 19.64 -5.53 -32.55
C GLU A 189 20.32 -6.24 -31.39
N PHE A 190 20.49 -5.52 -30.26
CA PHE A 190 21.13 -6.06 -29.08
C PHE A 190 20.31 -7.19 -28.51
N CYS A 191 19.01 -6.94 -28.38
CA CYS A 191 18.12 -7.98 -27.88
C CYS A 191 18.11 -9.22 -28.76
N PHE A 192 18.02 -9.03 -30.08
CA PHE A 192 17.97 -10.14 -31.04
C PHE A 192 19.21 -10.97 -30.88
N TRP A 193 20.34 -10.27 -30.80
CA TRP A 193 21.60 -10.95 -30.60
C TRP A 193 21.63 -11.69 -29.24
N GLU A 194 21.34 -10.98 -28.16
CA GLU A 194 21.51 -11.53 -26.82
C GLU A 194 20.54 -12.63 -26.45
N PHE A 195 19.29 -12.49 -26.86
CA PHE A 195 18.23 -13.40 -26.43
C PHE A 195 17.58 -14.19 -27.54
N GLY A 196 17.68 -13.67 -28.78
CA GLY A 196 16.91 -14.19 -29.90
C GLY A 196 17.12 -15.66 -30.27
N ASP A 197 18.21 -16.27 -29.81
CA ASP A 197 18.44 -17.68 -30.05
C ASP A 197 17.43 -18.59 -29.33
N LYS A 198 16.58 -18.02 -28.46
CA LYS A 198 15.60 -18.80 -27.71
C LYS A 198 14.23 -18.18 -27.72
N ILE A 199 14.03 -17.13 -28.51
CA ILE A 199 12.70 -16.61 -28.61
C ILE A 199 12.20 -16.58 -30.05
N LYS A 200 10.96 -17.05 -30.25
CA LYS A 200 10.39 -17.18 -31.60
C LYS A 200 9.39 -16.06 -31.95
N TYR A 201 9.03 -15.23 -30.97
CA TYR A 201 8.04 -14.18 -31.16
C TYR A 201 8.48 -12.85 -30.55
N TRP A 202 8.77 -11.88 -31.42
CA TRP A 202 9.21 -10.54 -31.02
C TRP A 202 8.12 -9.54 -31.36
N THR A 203 7.84 -8.63 -30.43
CA THR A 203 7.00 -7.49 -30.73
C THR A 203 7.85 -6.23 -30.62
N THR A 204 7.70 -5.29 -31.54
CA THR A 204 8.41 -4.01 -31.43
C THR A 204 7.76 -3.10 -30.41
N PHE A 205 6.52 -2.68 -30.70
CA PHE A 205 5.81 -1.74 -29.84
C PHE A 205 4.56 -2.34 -29.35
N ASN A 206 4.20 -2.06 -28.10
CA ASN A 206 2.84 -2.32 -27.64
C ASN A 206 2.06 -1.03 -27.62
N GLU A 207 0.86 -1.07 -28.22
CA GLU A 207 -0.10 0.04 -28.19
C GLU A 207 0.50 1.39 -28.44
N PRO A 208 1.09 1.60 -29.62
CA PRO A 208 1.60 2.92 -29.99
C PRO A 208 0.52 4.01 -29.98
N HIS A 209 -0.75 3.67 -30.25
CA HIS A 209 -1.83 4.67 -30.16
C HIS A 209 -1.95 5.22 -28.73
N THR A 210 -2.02 4.31 -27.74
CA THR A 210 -2.21 4.68 -26.35
C THR A 210 -1.02 5.48 -25.83
N PHE A 211 0.16 5.05 -26.24
CA PHE A 211 1.37 5.76 -25.92
C PHE A 211 1.34 7.19 -26.45
N ALA A 212 1.08 7.37 -27.74
CA ALA A 212 1.12 8.71 -28.34
C ALA A 212 -0.01 9.60 -27.87
N VAL A 213 -1.18 9.00 -27.63
CA VAL A 213 -2.38 9.79 -27.29
C VAL A 213 -2.41 10.18 -25.80
N ASN A 214 -2.25 9.17 -24.95
CA ASN A 214 -2.23 9.42 -23.53
C ASN A 214 -1.02 10.24 -23.08
N GLY A 215 0.10 10.05 -23.79
CA GLY A 215 1.35 10.71 -23.48
C GLY A 215 1.52 12.10 -24.09
N TYR A 216 0.93 12.35 -25.25
CA TYR A 216 1.15 13.63 -25.92
C TYR A 216 -0.10 14.39 -26.30
N ALA A 217 -1.27 13.82 -26.04
CA ALA A 217 -2.52 14.54 -26.29
C ALA A 217 -3.26 14.85 -25.00
N LEU A 218 -3.39 13.85 -24.12
CA LEU A 218 -4.15 14.03 -22.90
C LEU A 218 -3.29 14.38 -21.68
N GLY A 219 -1.99 14.07 -21.75
CA GLY A 219 -1.07 14.26 -20.64
C GLY A 219 -1.41 13.37 -19.46
N GLU A 220 -2.01 12.22 -19.74
CA GLU A 220 -2.40 11.26 -18.71
C GLU A 220 -1.35 10.21 -18.38
N PHE A 221 -0.48 9.94 -19.36
CA PHE A 221 0.59 8.94 -19.25
C PHE A 221 1.90 9.67 -19.50
N ALA A 222 3.01 9.07 -19.07
CA ALA A 222 4.34 9.64 -19.29
C ALA A 222 4.49 9.89 -20.78
N PRO A 223 5.17 10.95 -21.20
CA PRO A 223 5.78 11.94 -20.31
C PRO A 223 4.86 13.06 -19.81
N GLY A 224 3.53 12.90 -19.93
CA GLY A 224 2.59 13.84 -19.34
C GLY A 224 2.49 15.16 -20.09
N ARG A 225 2.52 15.08 -21.42
CA ARG A 225 2.43 16.25 -22.28
C ARG A 225 1.06 16.39 -22.95
N GLY A 226 0.69 17.63 -23.25
CA GLY A 226 -0.42 17.89 -24.14
C GLY A 226 -1.77 18.32 -23.56
N GLY A 227 -2.04 18.04 -22.28
CA GLY A 227 -3.30 18.41 -21.67
C GLY A 227 -3.29 19.82 -21.09
N LYS A 228 -4.39 20.24 -20.44
CA LYS A 228 -4.39 21.53 -19.74
C LYS A 228 -3.37 21.57 -18.60
N GLY A 229 -2.54 22.62 -18.62
CA GLY A 229 -1.46 22.80 -17.66
C GLY A 229 -0.16 22.11 -18.02
N ASP A 230 -0.17 21.28 -19.08
CA ASP A 230 1.02 20.52 -19.51
C ASP A 230 1.87 21.19 -20.59
N GLU A 231 2.98 20.54 -20.91
CA GLU A 231 4.06 21.15 -21.66
C GLU A 231 4.03 21.12 -23.20
N GLY A 232 3.38 20.14 -23.82
CA GLY A 232 3.49 20.07 -25.26
C GLY A 232 2.47 20.82 -26.13
N ASP A 233 2.02 20.13 -27.17
CA ASP A 233 0.99 20.59 -28.09
C ASP A 233 0.23 19.36 -28.63
N PRO A 234 -1.03 19.24 -28.24
CA PRO A 234 -1.80 18.03 -28.55
C PRO A 234 -2.18 17.96 -30.03
N ALA A 235 -2.02 19.07 -30.77
CA ALA A 235 -2.26 19.12 -32.22
C ALA A 235 -1.07 18.67 -33.05
N ILE A 236 0.12 18.73 -32.47
CA ILE A 236 1.36 18.48 -33.19
C ILE A 236 2.03 17.18 -32.73
N GLU A 237 2.22 17.06 -31.42
CA GLU A 237 3.12 16.06 -30.88
C GLU A 237 2.64 14.61 -31.01
N PRO A 238 1.34 14.35 -30.87
CA PRO A 238 0.84 12.99 -31.08
C PRO A 238 1.24 12.43 -32.48
N TYR A 239 1.14 13.25 -33.52
CA TYR A 239 1.48 12.84 -34.89
C TYR A 239 2.98 12.71 -35.14
N VAL A 240 3.79 13.59 -34.55
CA VAL A 240 5.25 13.45 -34.65
C VAL A 240 5.69 12.15 -33.97
N VAL A 241 5.09 11.87 -32.82
CA VAL A 241 5.39 10.67 -32.03
C VAL A 241 5.12 9.36 -32.78
N THR A 242 3.92 9.18 -33.34
CA THR A 242 3.68 7.93 -34.05
C THR A 242 4.40 7.86 -35.38
N HIS A 243 4.66 8.99 -36.00
CA HIS A 243 5.48 8.96 -37.21
C HIS A 243 6.83 8.29 -36.91
N ASN A 244 7.45 8.69 -35.79
CA ASN A 244 8.74 8.14 -35.39
C ASN A 244 8.65 6.73 -34.86
N ILE A 245 7.53 6.37 -34.23
CA ILE A 245 7.32 4.98 -33.81
C ILE A 245 7.28 4.09 -35.05
N LEU A 246 6.54 4.50 -36.07
CA LEU A 246 6.43 3.69 -37.29
C LEU A 246 7.80 3.52 -37.95
N LEU A 247 8.58 4.61 -37.96
CA LEU A 247 9.89 4.57 -38.58
C LEU A 247 10.86 3.71 -37.76
N ALA A 248 10.67 3.71 -36.43
CA ALA A 248 11.52 2.93 -35.53
C ALA A 248 11.15 1.47 -35.65
N HIS A 249 9.83 1.23 -35.65
CA HIS A 249 9.30 -0.09 -35.84
C HIS A 249 9.89 -0.73 -37.10
N LYS A 250 9.87 0.04 -38.18
CA LYS A 250 10.38 -0.40 -39.47
C LYS A 250 11.83 -0.80 -39.44
N ALA A 251 12.68 0.02 -38.83
CA ALA A 251 14.09 -0.33 -38.68
C ALA A 251 14.30 -1.63 -37.91
N ALA A 252 13.53 -1.86 -36.85
CA ALA A 252 13.70 -3.07 -36.04
C ALA A 252 13.31 -4.30 -36.85
N VAL A 253 12.27 -4.13 -37.65
CA VAL A 253 11.74 -5.22 -38.45
C VAL A 253 12.75 -5.59 -39.54
N GLU A 254 13.33 -4.60 -40.22
CA GLU A 254 14.37 -4.88 -41.22
C GLU A 254 15.59 -5.58 -40.60
N GLU A 255 16.04 -5.05 -39.47
CA GLU A 255 17.11 -5.62 -38.68
C GLU A 255 16.87 -7.09 -38.43
N TYR A 256 15.68 -7.40 -37.93
CA TYR A 256 15.33 -8.77 -37.67
C TYR A 256 15.34 -9.58 -38.98
N ARG A 257 14.51 -9.18 -39.94
CA ARG A 257 14.39 -9.90 -41.23
C ARG A 257 15.74 -10.12 -41.91
N ASN A 258 16.56 -9.08 -42.00
CA ASN A 258 17.84 -9.17 -42.74
C ASN A 258 18.92 -9.94 -42.00
N LYS A 259 18.94 -9.88 -40.68
CA LYS A 259 20.11 -10.36 -39.91
C LYS A 259 19.84 -11.46 -38.86
N PHE A 260 18.57 -11.71 -38.51
CA PHE A 260 18.23 -12.66 -37.43
C PHE A 260 17.15 -13.72 -37.72
N GLN A 261 16.13 -13.35 -38.49
CA GLN A 261 15.01 -14.24 -38.83
C GLN A 261 15.41 -15.61 -39.41
N LYS A 262 16.30 -15.63 -40.40
CA LYS A 262 16.73 -16.91 -40.99
C LYS A 262 17.40 -17.85 -39.96
N CYS A 263 18.26 -17.29 -39.12
CA CYS A 263 18.95 -18.00 -38.05
C CYS A 263 18.02 -18.46 -36.95
N GLN A 264 17.21 -17.54 -36.45
CA GLN A 264 16.51 -17.74 -35.19
C GLN A 264 15.09 -18.31 -35.39
N GLU A 265 14.62 -18.24 -36.64
CA GLU A 265 13.36 -18.87 -37.07
C GLU A 265 12.14 -18.33 -36.32
N GLY A 266 12.18 -17.03 -36.00
CA GLY A 266 11.06 -16.39 -35.33
C GLY A 266 10.34 -15.39 -36.23
N GLU A 267 9.48 -14.57 -35.61
CA GLU A 267 8.74 -13.52 -36.32
C GLU A 267 8.62 -12.27 -35.44
N ILE A 268 8.61 -11.09 -36.06
CA ILE A 268 8.39 -9.79 -35.39
C ILE A 268 7.09 -9.20 -35.88
N GLY A 269 6.31 -8.63 -34.97
CA GLY A 269 5.16 -7.86 -35.37
C GLY A 269 5.06 -6.63 -34.52
N ILE A 270 3.86 -6.04 -34.51
CA ILE A 270 3.56 -4.91 -33.64
C ILE A 270 2.20 -5.22 -33.02
N VAL A 271 1.90 -4.59 -31.89
CA VAL A 271 0.57 -4.81 -31.34
C VAL A 271 -0.27 -3.55 -31.24
N LEU A 272 -1.45 -3.63 -31.84
CA LEU A 272 -2.30 -2.47 -31.97
C LEU A 272 -3.49 -2.63 -31.04
N ASN A 273 -4.10 -1.52 -30.67
CA ASN A 273 -5.33 -1.59 -29.94
C ASN A 273 -6.42 -0.80 -30.67
N SER A 274 -7.65 -1.24 -30.48
CA SER A 274 -8.80 -0.45 -30.87
C SER A 274 -9.98 -0.83 -30.02
N MET A 275 -10.87 0.13 -29.84
CA MET A 275 -12.25 -0.21 -29.52
C MET A 275 -12.96 -0.63 -30.81
N TRP A 276 -14.03 -1.39 -30.71
CA TRP A 276 -14.90 -1.50 -31.86
C TRP A 276 -15.77 -0.24 -31.95
N MET A 277 -15.99 0.27 -33.16
CA MET A 277 -16.84 1.43 -33.36
C MET A 277 -18.12 1.04 -34.08
N GLU A 278 -19.23 1.08 -33.35
CA GLU A 278 -20.57 0.81 -33.89
C GLU A 278 -21.28 2.12 -34.27
N PRO A 279 -21.83 2.22 -35.48
CA PRO A 279 -22.62 3.41 -35.84
C PRO A 279 -23.83 3.49 -34.93
N LEU A 280 -24.07 4.67 -34.39
CA LEU A 280 -25.10 4.88 -33.37
C LEU A 280 -26.50 4.68 -34.00
N SER A 281 -26.77 5.40 -35.07
CA SER A 281 -27.89 5.06 -35.95
C SER A 281 -27.32 4.49 -37.26
N ASP A 282 -28.20 4.26 -38.23
CA ASP A 282 -27.76 3.71 -39.52
C ASP A 282 -27.61 4.76 -40.63
N VAL A 283 -27.77 6.03 -40.27
CA VAL A 283 -27.62 7.15 -41.20
C VAL A 283 -26.18 7.16 -41.73
N GLN A 284 -25.99 7.71 -42.93
CA GLN A 284 -24.68 7.85 -43.57
C GLN A 284 -23.63 8.47 -42.65
N ALA A 285 -24.00 9.63 -42.11
CA ALA A 285 -23.17 10.38 -41.17
C ALA A 285 -22.46 9.49 -40.16
N ASP A 286 -23.19 8.50 -39.64
CA ASP A 286 -22.70 7.59 -38.60
C ASP A 286 -21.81 6.47 -39.14
N ILE A 287 -22.04 6.05 -40.39
CA ILE A 287 -21.20 5.06 -41.04
C ILE A 287 -19.87 5.71 -41.40
N ASP A 288 -19.93 6.93 -41.92
CA ASP A 288 -18.73 7.75 -42.17
C ASP A 288 -17.96 8.04 -40.89
N ALA A 289 -18.68 8.31 -39.80
CA ALA A 289 -18.06 8.54 -38.51
C ALA A 289 -17.26 7.31 -38.03
N GLN A 290 -17.83 6.12 -38.25
CA GLN A 290 -17.18 4.89 -37.82
C GLN A 290 -15.90 4.65 -38.63
N LYS A 291 -15.95 4.98 -39.93
CA LYS A 291 -14.76 4.89 -40.78
C LYS A 291 -13.66 5.81 -40.24
N ARG A 292 -14.02 7.04 -39.90
CA ARG A 292 -13.06 7.99 -39.29
C ARG A 292 -12.47 7.52 -37.94
N ALA A 293 -13.36 7.06 -37.06
CA ALA A 293 -12.96 6.60 -35.72
C ALA A 293 -11.98 5.46 -35.86
N LEU A 294 -12.31 4.50 -36.71
CA LEU A 294 -11.42 3.37 -36.95
C LEU A 294 -10.10 3.81 -37.59
N ASP A 295 -10.18 4.73 -38.56
CA ASP A 295 -9.03 5.25 -39.28
C ASP A 295 -8.03 5.89 -38.35
N PHE A 296 -8.53 6.71 -37.41
CA PHE A 296 -7.68 7.51 -36.52
C PHE A 296 -7.07 6.69 -35.37
N MET A 297 -7.79 5.67 -34.89
CA MET A 297 -7.28 4.81 -33.84
C MET A 297 -6.42 3.66 -34.36
N LEU A 298 -6.84 3.05 -35.49
CA LEU A 298 -6.22 1.82 -35.98
C LEU A 298 -5.52 2.03 -37.31
N GLY A 299 -6.20 2.73 -38.20
CA GLY A 299 -5.66 3.02 -39.52
C GLY A 299 -4.40 3.85 -39.47
N TRP A 300 -4.31 4.72 -38.45
CA TRP A 300 -3.12 5.50 -38.13
C TRP A 300 -1.84 4.68 -38.26
N PHE A 301 -1.91 3.43 -37.80
CA PHE A 301 -0.79 2.50 -37.86
C PHE A 301 -0.91 1.49 -38.96
N LEU A 302 -2.11 0.92 -39.14
CA LEU A 302 -2.23 -0.22 -40.05
C LEU A 302 -2.09 0.17 -41.50
N GLU A 303 -2.61 1.35 -41.86
CA GLU A 303 -2.54 1.84 -43.23
C GLU A 303 -1.11 2.09 -43.72
N PRO A 304 -0.28 2.81 -42.97
CA PRO A 304 1.14 2.89 -43.32
C PRO A 304 1.74 1.50 -43.53
N LEU A 305 1.33 0.53 -42.71
CA LEU A 305 1.86 -0.84 -42.81
C LEU A 305 1.30 -1.65 -43.97
N THR A 306 0.31 -1.07 -44.66
CA THR A 306 -0.40 -1.73 -45.76
C THR A 306 -0.06 -1.09 -47.13
N THR A 307 -0.28 0.23 -47.24
CA THR A 307 -0.03 0.96 -48.49
C THR A 307 1.10 2.00 -48.39
N GLY A 308 1.72 2.08 -47.21
CA GLY A 308 2.82 3.02 -46.98
C GLY A 308 2.39 4.47 -46.96
N ASP A 309 1.21 4.72 -46.39
CA ASP A 309 0.62 6.05 -46.30
C ASP A 309 -0.49 6.03 -45.25
N TYR A 310 -0.84 7.21 -44.75
CA TYR A 310 -1.84 7.32 -43.69
C TYR A 310 -3.27 7.20 -44.29
N PRO A 311 -4.26 6.81 -43.47
CA PRO A 311 -5.66 6.84 -43.89
C PRO A 311 -6.02 8.17 -44.56
N LYS A 312 -6.98 8.13 -45.47
CA LYS A 312 -7.25 9.29 -46.31
C LYS A 312 -8.03 10.32 -45.53
N SER A 313 -8.80 9.87 -44.55
CA SER A 313 -9.56 10.79 -43.73
C SER A 313 -8.57 11.63 -42.91
N MET A 314 -7.51 10.97 -42.42
CA MET A 314 -6.44 11.65 -41.69
C MET A 314 -5.75 12.68 -42.58
N ARG A 315 -5.25 12.27 -43.74
CA ARG A 315 -4.59 13.20 -44.64
C ARG A 315 -5.44 14.45 -44.91
N GLU A 316 -6.74 14.24 -45.07
CA GLU A 316 -7.64 15.32 -45.45
C GLU A 316 -7.96 16.24 -44.27
N LEU A 317 -8.13 15.66 -43.10
CA LEU A 317 -8.53 16.46 -41.92
C LEU A 317 -7.35 17.11 -41.20
N VAL A 318 -6.22 16.40 -41.14
CA VAL A 318 -5.03 16.83 -40.39
C VAL A 318 -4.04 17.66 -41.24
N LYS A 319 -4.08 17.47 -42.56
CA LYS A 319 -3.26 18.21 -43.51
C LYS A 319 -1.78 18.30 -43.12
N GLY A 320 -1.24 19.53 -43.10
CA GLY A 320 0.17 19.77 -42.81
C GLY A 320 0.68 19.31 -41.44
N ARG A 321 -0.24 18.95 -40.54
CA ARG A 321 0.14 18.47 -39.21
C ARG A 321 0.41 16.97 -39.20
N LEU A 322 0.06 16.29 -40.28
CA LEU A 322 0.43 14.91 -40.46
C LEU A 322 1.70 14.87 -41.33
N PRO A 323 2.81 14.38 -40.77
CA PRO A 323 4.07 14.28 -41.54
C PRO A 323 3.95 13.30 -42.72
N LYS A 324 4.77 13.50 -43.75
CA LYS A 324 4.77 12.60 -44.89
C LYS A 324 5.91 11.59 -44.81
N PHE A 325 5.77 10.48 -45.53
CA PHE A 325 6.84 9.51 -45.65
C PHE A 325 7.64 9.76 -46.93
N SER A 326 8.95 9.56 -46.87
CA SER A 326 9.77 9.59 -48.10
C SER A 326 9.28 8.45 -48.99
N ALA A 327 9.49 8.57 -50.30
CA ALA A 327 9.16 7.51 -51.24
C ALA A 327 9.68 6.16 -50.76
N ASP A 328 10.93 6.15 -50.29
CA ASP A 328 11.58 4.92 -49.87
C ASP A 328 11.03 4.34 -48.56
N ASP A 329 10.66 5.20 -47.61
CA ASP A 329 10.06 4.73 -46.35
C ASP A 329 8.66 4.16 -46.62
N SER A 330 7.92 4.90 -47.43
CA SER A 330 6.59 4.54 -47.89
C SER A 330 6.58 3.11 -48.38
N GLU A 331 7.44 2.81 -49.36
CA GLU A 331 7.53 1.47 -49.96
C GLU A 331 7.96 0.41 -48.93
N LYS A 332 8.91 0.73 -48.06
CA LYS A 332 9.40 -0.30 -47.15
C LYS A 332 8.44 -0.61 -45.99
N LEU A 333 7.50 0.29 -45.76
CA LEU A 333 6.51 0.12 -44.69
C LEU A 333 5.44 -0.89 -45.06
N LYS A 334 5.25 -1.07 -46.37
CA LYS A 334 4.22 -1.95 -46.90
C LYS A 334 4.47 -3.39 -46.49
N GLY A 335 3.55 -3.94 -45.71
CA GLY A 335 3.67 -5.31 -45.26
C GLY A 335 4.86 -5.51 -44.34
N CYS A 336 5.25 -4.45 -43.64
CA CYS A 336 6.42 -4.49 -42.79
C CYS A 336 6.07 -4.97 -41.37
N TYR A 337 5.62 -6.23 -41.29
CA TYR A 337 5.31 -6.94 -40.04
C TYR A 337 5.07 -8.41 -40.37
N ASP A 338 5.28 -9.31 -39.41
CA ASP A 338 5.03 -10.72 -39.63
C ASP A 338 3.65 -11.13 -39.10
N PHE A 339 3.15 -10.34 -38.16
CA PHE A 339 1.82 -10.51 -37.58
C PHE A 339 1.38 -9.19 -36.98
N ILE A 340 0.07 -9.03 -36.83
CA ILE A 340 -0.48 -7.92 -36.08
C ILE A 340 -1.12 -8.51 -34.84
N GLY A 341 -0.62 -8.12 -33.67
CA GLY A 341 -1.26 -8.40 -32.41
C GLY A 341 -2.37 -7.40 -32.16
N MET A 342 -3.49 -7.90 -31.64
CA MET A 342 -4.65 -7.07 -31.39
C MET A 342 -5.06 -7.08 -29.94
N ASN A 343 -5.23 -5.87 -29.39
CA ASN A 343 -5.63 -5.68 -28.02
C ASN A 343 -7.03 -5.09 -28.00
N TYR A 344 -7.94 -5.79 -27.35
CA TYR A 344 -9.34 -5.34 -27.35
C TYR A 344 -9.91 -5.43 -25.93
N TYR A 345 -10.70 -4.41 -25.58
CA TYR A 345 -11.39 -4.34 -24.29
C TYR A 345 -12.89 -4.03 -24.40
N THR A 346 -13.25 -3.19 -25.36
CA THR A 346 -14.61 -2.72 -25.40
C THR A 346 -15.01 -2.12 -26.75
N ALA A 347 -16.29 -1.79 -26.88
CA ALA A 347 -16.79 -1.13 -28.06
C ALA A 347 -17.60 0.11 -27.66
N THR A 348 -17.77 1.04 -28.60
CA THR A 348 -18.52 2.28 -28.39
C THR A 348 -19.34 2.64 -29.63
N TYR A 349 -20.53 3.20 -29.42
CA TYR A 349 -21.30 3.79 -30.53
C TYR A 349 -20.53 5.01 -30.98
N VAL A 350 -20.91 5.54 -32.13
CA VAL A 350 -20.11 6.55 -32.82
C VAL A 350 -21.04 7.39 -33.69
N THR A 351 -20.82 8.71 -33.68
CA THR A 351 -21.67 9.64 -34.41
C THR A 351 -20.84 10.85 -34.87
N ASN A 352 -21.44 11.69 -35.70
CA ASN A 352 -20.85 12.94 -36.15
C ASN A 352 -20.74 13.94 -34.99
N ALA A 353 -19.56 14.59 -34.87
CA ALA A 353 -19.31 15.61 -33.85
C ALA A 353 -19.95 16.96 -34.16
N VAL A 354 -20.18 17.75 -33.11
CA VAL A 354 -20.79 19.10 -33.25
C VAL A 354 -19.75 20.22 -33.33
N LYS A 360 -10.11 23.97 -29.08
CA LYS A 360 -8.65 23.77 -29.05
C LYS A 360 -8.16 22.60 -29.96
N LEU A 361 -7.43 22.95 -31.04
CA LEU A 361 -6.87 21.96 -31.97
C LEU A 361 -6.25 20.82 -31.18
N SER A 362 -6.76 19.62 -31.40
CA SER A 362 -6.19 18.45 -30.79
C SER A 362 -6.47 17.19 -31.60
N TYR A 363 -5.53 16.24 -31.51
CA TYR A 363 -5.73 14.92 -32.09
C TYR A 363 -7.06 14.33 -31.64
N GLU A 364 -7.40 14.51 -30.37
CA GLU A 364 -8.65 13.98 -29.83
C GLU A 364 -9.89 14.45 -30.56
N THR A 365 -9.86 15.63 -31.16
CA THR A 365 -11.02 16.16 -31.85
C THR A 365 -10.83 16.27 -33.38
N ASP A 366 -9.73 15.70 -33.88
CA ASP A 366 -9.38 15.76 -35.30
C ASP A 366 -10.20 14.82 -36.21
N ASP A 367 -10.39 13.56 -35.79
CA ASP A 367 -11.48 12.74 -36.32
C ASP A 367 -12.77 13.45 -35.84
N GLN A 368 -13.71 13.80 -36.70
CA GLN A 368 -14.83 14.58 -36.13
C GLN A 368 -15.92 13.69 -35.56
N VAL A 369 -15.57 12.90 -34.55
CA VAL A 369 -16.39 11.80 -34.10
C VAL A 369 -16.73 11.90 -32.62
N THR A 370 -18.02 11.95 -32.31
CA THR A 370 -18.45 11.83 -30.92
C THR A 370 -18.62 10.36 -30.57
N LYS A 371 -18.04 9.95 -29.45
CA LYS A 371 -18.17 8.58 -28.96
C LYS A 371 -19.12 8.57 -27.78
N THR A 372 -20.00 7.59 -27.73
CA THR A 372 -20.87 7.41 -26.58
C THR A 372 -21.19 5.94 -26.39
N PHE A 373 -21.46 5.52 -25.16
CA PHE A 373 -21.73 4.10 -24.87
C PHE A 373 -23.23 3.81 -24.84
N GLU A 374 -24.05 4.80 -25.17
CA GLU A 374 -25.50 4.69 -25.05
C GLU A 374 -26.23 4.84 -26.37
N ARG A 375 -27.31 4.08 -26.56
CA ARG A 375 -28.16 4.22 -27.74
C ARG A 375 -29.37 5.10 -27.45
N ASN A 376 -30.27 4.61 -26.60
CA ASN A 376 -31.43 5.39 -26.18
C ASN A 376 -31.51 5.16 -24.67
N GLN A 377 -30.49 5.70 -23.99
CA GLN A 377 -30.21 5.47 -22.57
C GLN A 377 -29.82 4.01 -22.26
N LYS A 378 -29.69 3.19 -23.30
CA LYS A 378 -29.37 1.76 -23.17
C LYS A 378 -27.88 1.50 -23.53
N PRO A 379 -27.09 1.04 -22.56
CA PRO A 379 -25.64 0.89 -22.77
C PRO A 379 -25.35 -0.22 -23.75
N ILE A 380 -24.21 -0.11 -24.44
CA ILE A 380 -23.79 -1.05 -25.47
C ILE A 380 -23.51 -2.47 -24.89
N GLY A 381 -23.27 -2.52 -23.59
CA GLY A 381 -23.04 -3.74 -22.82
C GLY A 381 -22.79 -3.41 -21.34
N HIS A 382 -22.74 -4.44 -20.49
CA HIS A 382 -22.64 -4.22 -19.04
C HIS A 382 -21.43 -3.35 -18.70
N ALA A 383 -21.67 -2.25 -17.98
CA ALA A 383 -20.59 -1.34 -17.58
C ALA A 383 -19.79 -1.92 -16.43
N LEU A 384 -18.47 -1.90 -16.57
CA LEU A 384 -17.58 -2.44 -15.57
C LEU A 384 -17.07 -1.32 -14.68
N TYR A 385 -16.10 -1.65 -13.81
CA TYR A 385 -15.68 -0.76 -12.73
C TYR A 385 -15.38 0.69 -13.10
N GLY A 386 -14.43 1.08 -13.92
CA GLY A 386 -14.20 2.53 -14.08
C GLY A 386 -15.19 3.38 -14.88
N GLY A 387 -16.28 2.80 -15.35
CA GLY A 387 -17.24 3.49 -16.20
C GLY A 387 -16.85 3.51 -17.67
N TRP A 388 -15.64 3.04 -18.00
CA TRP A 388 -15.17 3.00 -19.40
C TRP A 388 -15.38 1.65 -20.09
N GLN A 389 -14.76 0.59 -19.57
CA GLN A 389 -14.88 -0.73 -20.18
C GLN A 389 -16.30 -1.28 -20.02
N HIS A 390 -16.96 -1.48 -21.15
CA HIS A 390 -18.26 -2.17 -21.21
C HIS A 390 -18.03 -3.56 -21.82
N VAL A 391 -18.74 -4.57 -21.34
CA VAL A 391 -18.54 -5.91 -21.91
C VAL A 391 -19.35 -6.11 -23.19
N VAL A 392 -18.61 -6.15 -24.31
CA VAL A 392 -19.19 -6.28 -25.65
C VAL A 392 -18.40 -7.30 -26.46
N PRO A 393 -18.66 -8.59 -26.22
CA PRO A 393 -17.88 -9.64 -26.83
C PRO A 393 -17.89 -9.54 -28.35
N TRP A 394 -19.08 -9.32 -28.91
CA TRP A 394 -19.26 -9.21 -30.36
C TRP A 394 -18.47 -8.11 -31.06
N GLY A 395 -17.96 -7.16 -30.27
CA GLY A 395 -17.07 -6.13 -30.77
C GLY A 395 -15.74 -6.69 -31.22
N LEU A 396 -15.27 -7.74 -30.55
CA LEU A 396 -14.02 -8.38 -30.92
C LEU A 396 -14.16 -9.04 -32.28
N TYR A 397 -15.29 -9.74 -32.45
CA TYR A 397 -15.59 -10.36 -33.71
C TYR A 397 -15.55 -9.31 -34.83
N LYS A 398 -16.32 -8.24 -34.67
CA LYS A 398 -16.43 -7.20 -35.71
C LYS A 398 -15.07 -6.53 -36.01
N LEU A 399 -14.31 -6.24 -34.96
CA LEU A 399 -13.01 -5.62 -35.11
C LEU A 399 -12.03 -6.53 -35.86
N LEU A 400 -12.10 -7.82 -35.60
CA LEU A 400 -11.22 -8.78 -36.28
C LEU A 400 -11.58 -8.92 -37.77
N VAL A 401 -12.87 -8.97 -38.04
CA VAL A 401 -13.38 -9.10 -39.41
C VAL A 401 -13.01 -7.83 -40.17
N TYR A 402 -13.22 -6.68 -39.54
CA TYR A 402 -12.92 -5.38 -40.16
C TYR A 402 -11.45 -5.26 -40.51
N THR A 403 -10.60 -5.72 -39.59
CA THR A 403 -9.16 -5.68 -39.78
C THR A 403 -8.73 -6.49 -40.99
N LYS A 404 -9.26 -7.71 -41.11
CA LYS A 404 -8.99 -8.58 -42.25
C LYS A 404 -9.47 -7.91 -43.52
N GLU A 405 -10.76 -7.59 -43.54
CA GLU A 405 -11.39 -7.04 -44.72
C GLU A 405 -10.68 -5.79 -45.23
N THR A 406 -10.25 -4.93 -44.31
CA THR A 406 -9.70 -3.62 -44.63
C THR A 406 -8.18 -3.59 -44.90
N TYR A 407 -7.42 -4.42 -44.18
CA TYR A 407 -5.97 -4.40 -44.31
C TYR A 407 -5.35 -5.72 -44.76
N HIS A 408 -6.20 -6.75 -44.90
CA HIS A 408 -5.77 -8.09 -45.35
C HIS A 408 -4.52 -8.54 -44.66
N VAL A 409 -4.59 -8.58 -43.34
CA VAL A 409 -3.45 -8.98 -42.57
C VAL A 409 -3.35 -10.52 -42.56
N PRO A 410 -2.25 -11.02 -43.10
CA PRO A 410 -2.01 -12.46 -43.15
C PRO A 410 -2.14 -13.16 -41.80
N VAL A 411 -1.56 -12.61 -40.72
CA VAL A 411 -1.56 -13.29 -39.40
C VAL A 411 -1.98 -12.36 -38.26
N LEU A 412 -3.01 -12.75 -37.52
CA LEU A 412 -3.49 -12.01 -36.37
C LEU A 412 -3.31 -12.81 -35.08
N TYR A 413 -3.14 -12.10 -33.96
CA TYR A 413 -3.28 -12.65 -32.63
C TYR A 413 -4.13 -11.71 -31.78
N VAL A 414 -4.84 -12.27 -30.81
CA VAL A 414 -5.46 -11.47 -29.78
C VAL A 414 -4.49 -11.47 -28.61
N THR A 415 -3.67 -10.43 -28.56
CA THR A 415 -2.54 -10.34 -27.63
C THR A 415 -2.92 -9.78 -26.27
N GLU A 416 -4.04 -9.08 -26.19
CA GLU A 416 -4.57 -8.64 -24.91
C GLU A 416 -6.09 -8.74 -24.94
N SER A 417 -6.64 -9.53 -24.04
CA SER A 417 -8.07 -9.53 -23.81
C SER A 417 -8.26 -9.76 -22.32
N GLY A 418 -9.08 -8.91 -21.68
CA GLY A 418 -9.35 -9.07 -20.26
C GLY A 418 -10.34 -8.09 -19.67
N MET A 419 -10.59 -8.20 -18.35
CA MET A 419 -11.58 -7.36 -17.69
C MET A 419 -11.20 -6.73 -16.35
N VAL A 420 -11.70 -5.50 -16.17
CA VAL A 420 -11.40 -4.66 -15.04
C VAL A 420 -12.31 -4.94 -13.85
N GLU A 421 -11.68 -5.13 -12.71
CA GLU A 421 -12.35 -5.43 -11.46
C GLU A 421 -11.83 -4.38 -10.48
N GLU A 422 -12.74 -3.82 -9.69
CA GLU A 422 -12.38 -2.90 -8.61
C GLU A 422 -11.47 -3.58 -7.59
N ASN A 423 -10.43 -2.86 -7.13
CA ASN A 423 -9.66 -3.30 -5.97
C ASN A 423 -10.40 -2.94 -4.68
N LYS A 424 -11.26 -3.85 -4.27
CA LYS A 424 -11.99 -3.74 -3.02
C LYS A 424 -11.05 -4.15 -1.88
N THR A 425 -10.68 -3.17 -1.06
CA THR A 425 -9.95 -3.40 0.19
C THR A 425 -11.12 -3.73 1.08
N LYS A 426 -10.94 -4.39 2.22
CA LYS A 426 -12.15 -4.61 3.06
C LYS A 426 -13.04 -5.83 2.73
N ILE A 427 -12.69 -6.61 1.72
CA ILE A 427 -13.25 -7.97 1.56
C ILE A 427 -12.14 -9.02 1.72
N LEU A 428 -12.50 -10.26 2.07
CA LEU A 428 -11.51 -11.33 2.22
C LEU A 428 -11.02 -11.85 0.86
N LEU A 429 -9.85 -12.48 0.83
CA LEU A 429 -9.36 -13.16 -0.38
C LEU A 429 -10.42 -14.18 -0.84
N SER A 430 -10.88 -15.02 0.11
CA SER A 430 -12.01 -15.94 -0.11
C SER A 430 -13.05 -15.35 -1.07
N GLU A 431 -13.46 -14.11 -0.81
CA GLU A 431 -14.48 -13.46 -1.63
C GLU A 431 -13.93 -12.87 -2.93
N ALA A 432 -12.82 -12.11 -2.86
CA ALA A 432 -12.23 -11.49 -4.05
C ALA A 432 -11.80 -12.48 -5.14
N ARG A 433 -11.43 -13.69 -4.70
CA ARG A 433 -11.00 -14.82 -5.54
C ARG A 433 -12.07 -15.23 -6.54
N ARG A 434 -13.31 -15.13 -6.12
CA ARG A 434 -14.40 -15.73 -6.86
C ARG A 434 -14.82 -14.76 -7.96
N ASP A 435 -14.02 -14.67 -9.00
CA ASP A 435 -14.28 -13.75 -10.11
C ASP A 435 -15.09 -14.37 -11.27
N ALA A 436 -16.27 -14.89 -10.94
CA ALA A 436 -17.15 -15.51 -11.93
C ALA A 436 -17.35 -14.63 -13.18
N GLU A 437 -17.50 -13.32 -12.95
CA GLU A 437 -17.64 -12.35 -14.02
C GLU A 437 -16.50 -12.41 -15.02
N ARG A 438 -15.27 -12.59 -14.53
CA ARG A 438 -14.11 -12.63 -15.42
C ARG A 438 -14.03 -13.90 -16.28
N THR A 439 -14.41 -15.01 -15.68
CA THR A 439 -14.53 -16.28 -16.38
C THR A 439 -15.56 -16.17 -17.53
N ASP A 440 -16.79 -15.82 -17.18
CA ASP A 440 -17.80 -15.41 -18.17
C ASP A 440 -17.22 -14.50 -19.28
N TYR A 441 -16.57 -13.40 -18.90
CA TYR A 441 -15.92 -12.50 -19.86
C TYR A 441 -15.02 -13.23 -20.88
N HIS A 442 -14.12 -14.08 -20.40
CA HIS A 442 -13.20 -14.75 -21.33
C HIS A 442 -13.88 -15.81 -22.18
N GLN A 443 -14.84 -16.51 -21.58
CA GLN A 443 -15.65 -17.45 -22.35
C GLN A 443 -16.37 -16.76 -23.51
N LYS A 444 -17.00 -15.61 -23.25
CA LYS A 444 -17.77 -14.93 -24.28
C LYS A 444 -16.86 -14.39 -25.37
N HIS A 445 -15.68 -13.90 -24.97
CA HIS A 445 -14.76 -13.33 -25.93
C HIS A 445 -14.10 -14.41 -26.78
N LEU A 446 -13.86 -15.58 -26.17
CA LEU A 446 -13.24 -16.69 -26.89
C LEU A 446 -14.18 -17.17 -27.98
N ALA A 447 -15.46 -17.26 -27.64
CA ALA A 447 -16.53 -17.58 -28.60
C ALA A 447 -16.51 -16.65 -29.81
N SER A 448 -16.32 -15.36 -29.55
CA SER A 448 -16.19 -14.34 -30.60
C SER A 448 -14.96 -14.58 -31.46
N VAL A 449 -13.86 -15.00 -30.83
CA VAL A 449 -12.62 -15.24 -31.57
C VAL A 449 -12.82 -16.45 -32.47
N ARG A 450 -13.44 -17.49 -31.91
CA ARG A 450 -13.75 -18.71 -32.66
C ARG A 450 -14.67 -18.41 -33.86
N ASP A 451 -15.76 -17.69 -33.61
CA ASP A 451 -16.62 -17.18 -34.68
C ASP A 451 -15.81 -16.55 -35.81
N ALA A 452 -14.84 -15.70 -35.47
CA ALA A 452 -14.01 -15.03 -36.44
C ALA A 452 -13.10 -16.01 -37.21
N ILE A 453 -12.57 -17.01 -36.53
CA ILE A 453 -11.72 -17.99 -37.19
C ILE A 453 -12.52 -18.79 -38.21
N ASP A 454 -13.69 -19.28 -37.78
CA ASP A 454 -14.60 -20.02 -38.64
C ASP A 454 -15.03 -19.20 -39.85
N ASP A 455 -15.01 -17.88 -39.70
CA ASP A 455 -15.40 -16.98 -40.77
C ASP A 455 -14.25 -16.54 -41.66
N GLY A 456 -13.07 -17.11 -41.45
CA GLY A 456 -11.95 -16.90 -42.36
C GLY A 456 -10.81 -16.00 -41.90
N VAL A 457 -10.93 -15.36 -40.74
CA VAL A 457 -9.81 -14.58 -40.22
C VAL A 457 -8.79 -15.43 -39.46
N ASN A 458 -7.54 -15.34 -39.91
CA ASN A 458 -6.45 -16.13 -39.39
C ASN A 458 -5.94 -15.62 -38.04
N VAL A 459 -6.74 -15.80 -36.99
CA VAL A 459 -6.28 -15.58 -35.60
C VAL A 459 -5.56 -16.82 -35.12
N LYS A 460 -4.36 -16.65 -34.59
CA LYS A 460 -3.50 -17.78 -34.33
C LYS A 460 -3.15 -17.93 -32.86
N GLY A 461 -3.81 -17.16 -32.00
CA GLY A 461 -3.55 -17.24 -30.58
C GLY A 461 -4.32 -16.21 -29.77
N TYR A 462 -4.41 -16.45 -28.47
CA TYR A 462 -5.18 -15.60 -27.54
C TYR A 462 -4.51 -15.48 -26.17
N PHE A 463 -4.22 -14.26 -25.74
CA PHE A 463 -3.49 -14.03 -24.49
C PHE A 463 -4.30 -13.22 -23.48
N VAL A 464 -4.63 -13.86 -22.37
CA VAL A 464 -5.27 -13.21 -21.23
C VAL A 464 -4.37 -12.09 -20.66
N TRP A 465 -5.00 -10.93 -20.43
CA TRP A 465 -4.29 -9.79 -19.88
C TRP A 465 -5.02 -9.29 -18.65
N SER A 466 -4.32 -9.11 -17.54
CA SER A 466 -2.96 -9.57 -17.33
C SER A 466 -3.01 -10.89 -16.57
N PHE A 467 -1.89 -11.62 -16.58
CA PHE A 467 -1.81 -12.85 -15.82
C PHE A 467 -1.96 -12.53 -14.34
N PHE A 468 -1.15 -11.59 -13.85
CA PHE A 468 -1.16 -11.17 -12.45
C PHE A 468 -1.85 -9.83 -12.32
N ASP A 469 -2.53 -9.62 -11.19
CA ASP A 469 -2.78 -8.26 -10.74
C ASP A 469 -1.47 -7.47 -10.72
N ASN A 470 -1.45 -6.32 -11.37
CA ASN A 470 -0.26 -5.47 -11.37
C ASN A 470 -0.58 -3.97 -11.35
N PHE A 471 0.48 -3.15 -11.46
CA PHE A 471 0.35 -1.70 -11.45
C PHE A 471 -0.48 -1.29 -12.67
N GLU A 472 -1.34 -0.29 -12.53
CA GLU A 472 -2.19 0.04 -13.67
C GLU A 472 -2.05 1.49 -14.16
N TRP A 473 -0.79 1.92 -14.31
CA TRP A 473 -0.46 3.19 -14.95
C TRP A 473 -1.09 4.36 -14.18
N ASN A 474 -1.91 5.18 -14.83
CA ASN A 474 -2.52 6.31 -14.11
C ASN A 474 -3.56 5.92 -13.04
N LEU A 475 -3.95 4.67 -13.01
CA LEU A 475 -4.93 4.21 -12.02
C LEU A 475 -4.25 3.56 -10.81
N GLY A 476 -2.94 3.36 -10.88
CA GLY A 476 -2.19 2.85 -9.76
C GLY A 476 -2.63 1.46 -9.36
N TYR A 477 -3.11 1.31 -8.13
CA TYR A 477 -3.47 0.02 -7.61
C TYR A 477 -4.95 -0.02 -7.16
N ILE A 478 -5.81 0.76 -7.82
CA ILE A 478 -7.23 0.82 -7.44
C ILE A 478 -8.10 -0.22 -8.16
N CYS A 479 -7.50 -0.95 -9.09
CA CYS A 479 -8.20 -2.02 -9.78
C CYS A 479 -7.30 -3.23 -10.08
N ARG A 480 -7.94 -4.31 -10.55
CA ARG A 480 -7.31 -5.61 -10.86
C ARG A 480 -7.72 -6.18 -12.23
N TYR A 481 -6.77 -6.74 -12.95
CA TYR A 481 -7.03 -7.37 -14.25
C TYR A 481 -6.59 -8.82 -14.29
N GLY A 482 -6.01 -9.30 -13.20
CA GLY A 482 -5.34 -10.59 -13.23
C GLY A 482 -6.27 -11.79 -13.14
N ILE A 483 -5.73 -12.93 -13.53
CA ILE A 483 -6.35 -14.21 -13.19
C ILE A 483 -5.64 -14.80 -12.00
N ILE A 484 -4.47 -14.23 -11.71
CA ILE A 484 -3.83 -14.47 -10.45
C ILE A 484 -3.95 -13.25 -9.55
N HIS A 485 -4.55 -13.47 -8.39
CA HIS A 485 -4.55 -12.44 -7.35
C HIS A 485 -3.13 -12.17 -6.80
N VAL A 486 -2.82 -10.87 -6.70
CA VAL A 486 -1.62 -10.37 -6.06
C VAL A 486 -2.00 -9.37 -4.97
N ASP A 487 -1.53 -9.59 -3.75
CA ASP A 487 -1.59 -8.60 -2.70
C ASP A 487 -0.59 -7.47 -3.02
N TYR A 488 -1.11 -6.26 -3.18
CA TYR A 488 -0.29 -5.14 -3.65
C TYR A 488 0.80 -4.63 -2.67
N LYS A 489 0.72 -5.04 -1.40
CA LYS A 489 1.76 -4.79 -0.40
C LYS A 489 2.70 -5.99 -0.20
N SER A 490 2.11 -7.14 0.15
CA SER A 490 2.87 -8.33 0.57
C SER A 490 3.48 -9.06 -0.62
N PHE A 491 2.86 -8.86 -1.79
CA PHE A 491 3.22 -9.56 -3.03
C PHE A 491 2.80 -11.04 -3.10
N GLU A 492 2.06 -11.51 -2.10
CA GLU A 492 1.59 -12.88 -2.10
C GLU A 492 0.66 -13.11 -3.30
N ARG A 493 0.86 -14.25 -3.95
CA ARG A 493 0.11 -14.66 -5.14
C ARG A 493 -0.91 -15.71 -4.76
N TYR A 494 -2.09 -15.61 -5.35
CA TYR A 494 -3.10 -16.63 -5.18
C TYR A 494 -3.98 -16.73 -6.43
N PRO A 495 -4.28 -17.96 -6.88
CA PRO A 495 -5.08 -18.13 -8.12
C PRO A 495 -6.51 -17.73 -7.88
N LYS A 496 -7.10 -17.03 -8.84
CA LYS A 496 -8.54 -16.76 -8.80
C LYS A 496 -9.27 -17.94 -9.45
N GLU A 497 -10.59 -18.07 -9.22
CA GLU A 497 -11.38 -19.08 -9.93
C GLU A 497 -11.18 -19.00 -11.46
N SER A 498 -11.04 -17.80 -11.99
CA SER A 498 -10.79 -17.62 -13.40
C SER A 498 -9.51 -18.36 -13.86
N ALA A 499 -8.46 -18.30 -13.04
CA ALA A 499 -7.24 -19.04 -13.32
C ALA A 499 -7.50 -20.55 -13.36
N ILE A 500 -8.44 -21.03 -12.56
CA ILE A 500 -8.78 -22.45 -12.59
C ILE A 500 -9.61 -22.83 -13.82
N TRP A 501 -10.49 -21.94 -14.25
CA TRP A 501 -11.21 -22.17 -15.50
C TRP A 501 -10.25 -22.22 -16.69
N TYR A 502 -9.36 -21.23 -16.80
CA TYR A 502 -8.38 -21.22 -17.88
C TYR A 502 -7.56 -22.53 -17.86
N LYS A 503 -7.13 -22.97 -16.68
CA LYS A 503 -6.34 -24.19 -16.59
C LYS A 503 -7.08 -25.35 -17.27
N ASN A 504 -8.36 -25.51 -16.93
CA ASN A 504 -9.22 -26.54 -17.51
C ASN A 504 -9.51 -26.34 -18.99
N PHE A 505 -9.83 -25.12 -19.38
CA PHE A 505 -10.04 -24.85 -20.79
C PHE A 505 -8.83 -25.24 -21.66
N ILE A 506 -7.63 -24.80 -21.31
CA ILE A 506 -6.44 -25.14 -22.10
C ILE A 506 -6.17 -26.66 -22.20
N ALA A 507 -6.52 -27.37 -21.13
CA ALA A 507 -6.29 -28.81 -21.04
C ALA A 507 -7.21 -29.70 -21.88
N GLY A 508 -8.33 -29.13 -22.36
CA GLY A 508 -9.33 -29.86 -23.14
C GLY A 508 -8.87 -30.63 -24.38
N LYS A 509 -7.73 -30.57 -24.84
N VAL B 37 11.55 28.42 22.18
CA VAL B 37 11.97 29.06 23.47
C VAL B 37 11.85 28.05 24.61
N VAL B 38 12.52 26.91 24.42
CA VAL B 38 12.68 25.86 25.43
C VAL B 38 13.93 25.06 25.05
N HIS B 39 14.82 24.86 26.01
CA HIS B 39 16.12 24.23 25.73
C HIS B 39 16.33 23.07 26.68
N ARG B 40 17.44 22.35 26.51
CA ARG B 40 17.70 21.16 27.32
C ARG B 40 18.00 21.48 28.77
N ARG B 41 18.68 22.62 28.95
CA ARG B 41 19.12 23.07 30.27
C ARG B 41 17.97 23.42 31.21
N ASP B 42 16.75 23.50 30.68
CA ASP B 42 15.57 23.77 31.50
C ASP B 42 15.13 22.52 32.26
N PHE B 43 15.80 21.41 32.02
CA PHE B 43 15.39 20.12 32.60
C PHE B 43 16.50 19.59 33.48
N PRO B 44 16.13 18.83 34.51
CA PRO B 44 17.13 18.18 35.38
C PRO B 44 18.22 17.47 34.59
N GLN B 45 19.40 17.32 35.19
CA GLN B 45 20.49 16.56 34.56
C GLN B 45 20.07 15.16 34.09
N ASP B 46 19.38 14.41 34.95
CA ASP B 46 19.14 13.00 34.68
C ASP B 46 17.85 12.63 33.85
N PHE B 47 16.95 13.60 33.67
CA PHE B 47 15.80 13.45 32.77
C PHE B 47 16.18 12.72 31.49
N ILE B 48 15.31 11.83 31.04
CA ILE B 48 15.55 11.00 29.86
C ILE B 48 14.78 11.51 28.65
N PHE B 49 15.46 11.58 27.51
CA PHE B 49 14.79 11.99 26.29
C PHE B 49 14.81 10.85 25.26
N GLY B 50 13.62 10.41 24.88
CA GLY B 50 13.51 9.17 24.12
C GLY B 50 12.44 9.20 23.07
N ALA B 51 12.19 8.02 22.49
CA ALA B 51 11.09 7.78 21.56
C ALA B 51 10.68 6.32 21.71
N GLY B 52 9.58 5.93 21.03
CA GLY B 52 9.06 4.57 21.13
C GLY B 52 8.24 4.06 19.95
N GLY B 53 7.91 2.78 20.03
CA GLY B 53 7.10 2.06 19.07
C GLY B 53 6.48 0.87 19.80
N SER B 54 5.59 0.11 19.15
CA SER B 54 5.05 -1.14 19.71
C SER B 54 5.21 -2.29 18.71
N ALA B 55 5.16 -3.54 19.19
CA ALA B 55 5.45 -4.67 18.34
C ALA B 55 4.54 -4.73 17.13
N TYR B 56 3.22 -4.72 17.37
CA TYR B 56 2.30 -4.94 16.27
C TYR B 56 2.28 -3.80 15.28
N GLN B 57 2.59 -2.59 15.72
CA GLN B 57 2.60 -1.44 14.81
C GLN B 57 3.83 -1.39 13.92
N CYS B 58 4.88 -2.10 14.31
CA CYS B 58 6.20 -1.86 13.75
C CYS B 58 6.84 -3.08 13.11
N GLU B 59 6.70 -4.20 13.80
CA GLU B 59 7.55 -5.35 13.53
C GLU B 59 7.33 -5.95 12.15
N GLY B 60 6.08 -6.17 11.78
CA GLY B 60 5.77 -7.01 10.63
C GLY B 60 6.21 -8.45 10.90
N ALA B 61 6.48 -9.19 9.81
CA ALA B 61 6.93 -10.57 9.91
C ALA B 61 5.97 -11.36 10.83
N TYR B 62 4.67 -11.10 10.66
CA TYR B 62 3.61 -11.66 11.51
C TYR B 62 3.57 -13.19 11.49
N ASN B 63 3.98 -13.76 10.35
CA ASN B 63 4.00 -15.20 10.13
C ASN B 63 5.43 -15.77 9.83
N GLU B 64 6.45 -15.09 10.33
CA GLU B 64 7.84 -15.51 10.22
C GLU B 64 8.51 -15.78 11.60
N GLY B 65 9.65 -16.47 11.60
CA GLY B 65 10.36 -16.76 12.85
C GLY B 65 9.45 -17.43 13.88
N ASN B 66 8.43 -18.12 13.40
CA ASN B 66 7.51 -18.90 14.23
C ASN B 66 6.61 -18.14 15.22
N ARG B 67 6.37 -16.86 14.95
CA ARG B 67 5.42 -16.08 15.75
C ARG B 67 4.06 -16.71 15.64
N GLY B 68 3.37 -16.84 16.77
CA GLY B 68 1.95 -17.20 16.80
C GLY B 68 1.08 -15.95 16.59
N PRO B 69 -0.16 -16.11 16.16
CA PRO B 69 -1.05 -14.96 15.94
C PRO B 69 -1.51 -14.30 17.23
N SER B 70 -1.70 -12.98 17.17
CA SER B 70 -2.31 -12.19 18.25
C SER B 70 -3.73 -11.79 17.84
N ILE B 71 -4.50 -11.25 18.79
CA ILE B 71 -5.85 -10.79 18.50
C ILE B 71 -5.87 -9.69 17.45
N TRP B 72 -4.76 -8.96 17.32
CA TRP B 72 -4.72 -7.94 16.28
C TRP B 72 -4.52 -8.47 14.87
N ASP B 73 -3.76 -9.56 14.71
CA ASP B 73 -3.74 -10.27 13.43
C ASP B 73 -5.16 -10.74 13.07
N THR B 74 -5.81 -11.39 14.03
CA THR B 74 -7.17 -11.87 13.90
C THR B 74 -8.16 -10.78 13.50
N PHE B 75 -8.24 -9.73 14.31
CA PHE B 75 -9.22 -8.66 14.14
C PHE B 75 -9.06 -8.08 12.73
N THR B 76 -7.80 -7.93 12.34
CA THR B 76 -7.45 -7.24 11.13
C THR B 76 -7.67 -8.09 9.86
N GLN B 77 -7.47 -9.40 9.99
CA GLN B 77 -7.69 -10.31 8.87
C GLN B 77 -9.12 -10.84 8.80
N ARG B 78 -9.73 -11.16 9.95
CA ARG B 78 -11.10 -11.70 9.96
C ARG B 78 -12.13 -10.59 9.64
N SER B 79 -11.84 -9.34 10.03
CA SER B 79 -12.75 -8.24 9.75
C SER B 79 -12.09 -6.92 9.34
N PRO B 80 -11.55 -6.90 8.11
CA PRO B 80 -10.86 -5.72 7.61
C PRO B 80 -11.76 -4.46 7.44
N ALA B 81 -13.09 -4.66 7.39
CA ALA B 81 -14.02 -3.53 7.37
C ALA B 81 -13.86 -2.65 8.61
N LYS B 82 -13.44 -3.27 9.72
CA LYS B 82 -13.22 -2.56 10.98
C LYS B 82 -12.04 -1.57 10.93
N ILE B 83 -11.15 -1.74 9.96
CA ILE B 83 -10.03 -0.83 9.73
C ILE B 83 -10.38 0.22 8.66
N SER B 84 -9.94 1.46 8.87
CA SER B 84 -10.25 2.53 7.92
C SER B 84 -9.93 2.20 6.44
N ASP B 85 -8.84 1.48 6.18
CA ASP B 85 -8.45 1.15 4.80
C ASP B 85 -8.29 -0.35 4.52
N GLY B 86 -8.82 -1.18 5.44
CA GLY B 86 -8.75 -2.62 5.33
C GLY B 86 -7.35 -3.21 5.54
N SER B 87 -6.42 -2.37 5.96
CA SER B 87 -5.03 -2.77 6.08
C SER B 87 -4.78 -3.54 7.38
N ASN B 88 -3.55 -4.01 7.56
CA ASN B 88 -3.18 -4.85 8.70
C ASN B 88 -1.72 -4.69 9.10
N GLY B 89 -1.31 -5.36 10.17
CA GLY B 89 0.07 -5.32 10.61
C GLY B 89 0.91 -6.45 10.05
N ASN B 90 0.48 -7.04 8.93
CA ASN B 90 1.16 -8.19 8.37
C ASN B 90 2.64 -7.88 8.17
N GLN B 91 2.94 -6.83 7.39
CA GLN B 91 4.31 -6.34 7.24
C GLN B 91 4.55 -5.13 8.14
N ALA B 92 3.46 -4.50 8.58
CA ALA B 92 3.56 -3.26 9.36
C ALA B 92 4.61 -2.37 8.68
N ILE B 93 5.64 -2.02 9.42
CA ILE B 93 6.70 -1.20 8.88
C ILE B 93 8.02 -1.97 8.81
N ASN B 94 7.92 -3.30 8.96
CA ASN B 94 9.04 -4.21 8.71
C ASN B 94 10.26 -4.01 9.63
N CYS B 95 10.01 -3.63 10.89
CA CYS B 95 11.07 -3.42 11.85
C CYS B 95 11.83 -4.70 12.21
N TYR B 96 11.15 -5.85 12.12
CA TYR B 96 11.73 -7.13 12.52
C TYR B 96 12.94 -7.47 11.66
N HIS B 97 12.95 -7.00 10.42
CA HIS B 97 14.05 -7.31 9.50
C HIS B 97 14.99 -6.15 9.43
N MET B 98 14.49 -4.97 9.78
CA MET B 98 15.26 -3.74 9.55
C MET B 98 15.81 -3.11 10.84
N TYR B 99 15.90 -3.89 11.92
CA TYR B 99 16.30 -3.33 13.23
C TYR B 99 17.69 -2.63 13.24
N LYS B 100 18.68 -3.21 12.56
CA LYS B 100 20.03 -2.60 12.59
C LYS B 100 20.04 -1.17 12.03
N GLU B 101 19.40 -0.98 10.87
CA GLU B 101 19.18 0.34 10.31
C GLU B 101 18.31 1.23 11.22
N ASP B 102 17.26 0.67 11.83
CA ASP B 102 16.39 1.47 12.70
C ASP B 102 17.20 2.10 13.82
N ILE B 103 18.06 1.28 14.42
CA ILE B 103 18.83 1.70 15.59
C ILE B 103 19.90 2.70 15.17
N LYS B 104 20.46 2.52 13.98
CA LYS B 104 21.31 3.54 13.36
C LYS B 104 20.62 4.92 13.29
N ILE B 105 19.33 4.93 12.91
CA ILE B 105 18.51 6.15 12.85
C ILE B 105 18.18 6.73 14.22
N MET B 106 17.90 5.85 15.20
CA MET B 106 17.78 6.25 16.59
C MET B 106 19.03 7.03 17.06
N LYS B 107 20.21 6.48 16.85
CA LYS B 107 21.46 7.15 17.21
C LYS B 107 21.69 8.48 16.47
N GLN B 108 21.35 8.52 15.20
CA GLN B 108 21.48 9.75 14.44
C GLN B 108 20.55 10.82 15.01
N THR B 109 19.43 10.41 15.58
CA THR B 109 18.52 11.32 16.25
C THR B 109 19.02 11.73 17.67
N GLY B 110 19.94 10.94 18.24
CA GLY B 110 20.45 11.17 19.59
C GLY B 110 19.57 10.60 20.70
N LEU B 111 18.63 9.75 20.32
CA LEU B 111 17.81 9.03 21.28
C LEU B 111 18.67 8.50 22.44
N GLU B 112 18.20 8.74 23.67
CA GLU B 112 18.90 8.26 24.86
C GLU B 112 18.31 6.93 25.31
N SER B 113 17.06 6.73 24.98
CA SER B 113 16.42 5.46 25.26
C SER B 113 15.32 5.20 24.23
N TYR B 114 15.04 3.92 23.97
CA TYR B 114 13.95 3.54 23.08
C TYR B 114 12.96 2.63 23.81
N ARG B 115 11.71 3.05 23.81
CA ARG B 115 10.62 2.25 24.40
C ARG B 115 10.07 1.34 23.32
N PHE B 116 10.14 0.04 23.55
CA PHE B 116 9.57 -0.91 22.60
C PHE B 116 8.79 -2.01 23.34
N SER B 117 7.99 -2.78 22.64
CA SER B 117 7.21 -3.81 23.32
C SER B 117 7.53 -5.17 22.74
N ILE B 118 7.37 -6.20 23.57
CA ILE B 118 7.60 -7.56 23.14
C ILE B 118 6.27 -8.13 22.73
N SER B 119 6.24 -8.77 21.55
CA SER B 119 5.06 -9.52 21.09
C SER B 119 4.97 -10.83 21.90
N TRP B 120 4.00 -10.89 22.79
CA TRP B 120 3.82 -12.01 23.69
C TRP B 120 3.78 -13.29 22.87
N SER B 121 3.06 -13.26 21.75
CA SER B 121 2.93 -14.45 20.94
C SER B 121 4.12 -14.66 20.01
N ARG B 122 5.07 -13.72 19.97
CA ARG B 122 6.32 -13.99 19.23
C ARG B 122 7.25 -14.87 20.06
N VAL B 123 7.23 -14.71 21.39
CA VAL B 123 8.08 -15.55 22.24
C VAL B 123 7.36 -16.77 22.76
N LEU B 124 6.05 -16.65 22.96
CA LEU B 124 5.24 -17.76 23.42
C LEU B 124 4.06 -17.95 22.46
N PRO B 125 4.25 -18.65 21.34
CA PRO B 125 3.25 -18.64 20.24
C PRO B 125 1.82 -19.09 20.64
N GLY B 126 1.71 -19.78 21.78
CA GLY B 126 0.41 -20.16 22.30
C GLY B 126 0.02 -19.45 23.60
N GLY B 127 0.73 -18.38 23.97
CA GLY B 127 0.44 -17.67 25.20
C GLY B 127 0.90 -18.41 26.43
N ARG B 128 0.41 -19.63 26.65
CA ARG B 128 0.87 -20.46 27.79
C ARG B 128 2.24 -21.07 27.54
N LEU B 129 2.86 -21.52 28.63
CA LEU B 129 4.17 -22.22 28.56
C LEU B 129 4.12 -23.64 27.93
N ALA B 130 3.00 -24.35 28.09
CA ALA B 130 2.87 -25.71 27.51
C ALA B 130 2.91 -25.76 25.98
N ALA B 131 2.46 -24.70 25.32
CA ALA B 131 2.55 -24.57 23.89
C ALA B 131 4.00 -24.28 23.42
N GLY B 132 4.88 -23.90 24.35
CA GLY B 132 6.32 -23.88 24.06
C GLY B 132 6.95 -22.51 23.86
N VAL B 133 8.26 -22.43 24.06
CA VAL B 133 8.95 -21.18 23.82
C VAL B 133 9.61 -21.12 22.44
N ASN B 134 9.39 -20.01 21.74
CA ASN B 134 9.85 -19.86 20.38
C ASN B 134 11.26 -19.28 20.31
N LYS B 135 12.24 -20.12 20.00
CA LYS B 135 13.64 -19.66 20.03
C LYS B 135 13.96 -18.56 19.02
N ASP B 136 13.28 -18.53 17.88
CA ASP B 136 13.54 -17.47 16.90
C ASP B 136 13.06 -16.15 17.44
N GLY B 137 12.03 -16.20 18.28
CA GLY B 137 11.46 -15.03 18.90
C GLY B 137 12.44 -14.41 19.87
N VAL B 138 12.99 -15.22 20.77
CA VAL B 138 13.86 -14.72 21.81
C VAL B 138 15.19 -14.31 21.25
N LYS B 139 15.61 -14.95 20.16
CA LYS B 139 16.81 -14.49 19.47
C LYS B 139 16.60 -13.04 18.96
N PHE B 140 15.44 -12.78 18.34
CA PHE B 140 15.19 -11.45 17.83
C PHE B 140 15.31 -10.40 18.94
N TYR B 141 14.61 -10.62 20.06
CA TYR B 141 14.63 -9.64 21.14
C TYR B 141 16.05 -9.43 21.71
N HIS B 142 16.77 -10.50 22.02
CA HIS B 142 18.18 -10.39 22.38
C HIS B 142 19.00 -9.61 21.35
N ASP B 143 18.82 -9.89 20.07
CA ASP B 143 19.56 -9.16 19.03
C ASP B 143 19.20 -7.67 19.04
N PHE B 144 17.94 -7.37 19.37
CA PHE B 144 17.41 -6.01 19.34
C PHE B 144 17.97 -5.27 20.56
N ILE B 145 17.79 -5.86 21.73
CA ILE B 145 18.37 -5.34 22.97
C ILE B 145 19.89 -5.10 22.84
N ASP B 146 20.67 -6.15 22.56
CA ASP B 146 22.11 -6.02 22.34
C ASP B 146 22.51 -4.89 21.37
N GLU B 147 21.74 -4.73 20.29
CA GLU B 147 22.11 -3.74 19.27
C GLU B 147 21.80 -2.30 19.76
N LEU B 148 20.75 -2.15 20.56
CA LEU B 148 20.46 -0.88 21.21
C LEU B 148 21.61 -0.48 22.11
N LEU B 149 22.00 -1.41 22.98
CA LEU B 149 23.05 -1.13 23.94
C LEU B 149 24.37 -0.84 23.25
N ALA B 150 24.62 -1.49 22.12
CA ALA B 150 25.85 -1.29 21.37
C ALA B 150 25.88 0.12 20.79
N ASN B 151 24.70 0.73 20.68
CA ASN B 151 24.63 2.12 20.18
C ASN B 151 24.43 3.20 21.26
N GLY B 152 24.51 2.78 22.52
CA GLY B 152 24.38 3.66 23.66
C GLY B 152 22.94 4.08 23.91
N ILE B 153 21.97 3.32 23.40
CA ILE B 153 20.55 3.58 23.64
C ILE B 153 19.95 2.60 24.67
N LYS B 154 19.30 3.13 25.69
CA LYS B 154 18.83 2.26 26.76
C LYS B 154 17.50 1.62 26.42
N PRO B 155 17.48 0.28 26.42
CA PRO B 155 16.23 -0.45 26.13
C PRO B 155 15.23 -0.23 27.24
N SER B 156 13.99 0.12 26.90
CA SER B 156 12.90 0.15 27.86
C SER B 156 11.77 -0.71 27.31
N VAL B 157 11.26 -1.67 28.09
CA VAL B 157 10.41 -2.74 27.56
C VAL B 157 8.98 -2.82 28.10
N THR B 158 8.01 -2.84 27.18
CA THR B 158 6.61 -3.07 27.54
C THR B 158 6.25 -4.52 27.25
N LEU B 159 5.79 -5.25 28.27
CA LEU B 159 5.33 -6.62 28.09
C LEU B 159 4.04 -6.72 27.25
N PHE B 160 3.08 -5.83 27.51
CA PHE B 160 1.78 -5.95 26.86
C PHE B 160 1.30 -4.68 26.17
N HIS B 161 1.43 -4.61 24.85
CA HIS B 161 0.82 -3.52 24.10
C HIS B 161 -0.30 -4.02 23.16
N TRP B 162 -1.29 -4.71 23.75
CA TRP B 162 -2.58 -5.06 23.10
C TRP B 162 -2.60 -6.35 22.28
N ASP B 163 -1.42 -6.84 21.90
CA ASP B 163 -1.28 -8.01 21.05
C ASP B 163 -1.29 -9.31 21.88
N LEU B 164 -2.43 -9.56 22.52
CA LEU B 164 -2.65 -10.80 23.25
C LEU B 164 -2.58 -11.96 22.28
N PRO B 165 -1.85 -13.01 22.64
CA PRO B 165 -1.83 -14.24 21.83
C PRO B 165 -3.25 -14.68 21.58
N GLN B 166 -3.56 -15.02 20.32
CA GLN B 166 -4.92 -15.40 19.97
C GLN B 166 -5.29 -16.71 20.67
N ALA B 167 -4.27 -17.55 20.95
CA ALA B 167 -4.50 -18.80 21.67
C ALA B 167 -5.27 -18.59 22.99
N LEU B 168 -4.87 -17.58 23.76
CA LEU B 168 -5.51 -17.32 25.05
C LEU B 168 -6.88 -16.65 24.91
N GLU B 169 -7.05 -15.75 23.94
CA GLU B 169 -8.36 -15.19 23.63
C GLU B 169 -9.33 -16.34 23.37
N ASP B 170 -8.88 -17.35 22.62
CA ASP B 170 -9.76 -18.46 22.29
C ASP B 170 -9.96 -19.44 23.46
N GLU B 171 -8.88 -19.78 24.16
CA GLU B 171 -8.99 -20.74 25.26
C GLU B 171 -10.01 -20.32 26.30
N TYR B 172 -9.91 -19.06 26.76
CA TYR B 172 -10.77 -18.64 27.85
C TYR B 172 -11.27 -17.18 27.81
N GLY B 173 -11.26 -16.56 26.63
CA GLY B 173 -11.74 -15.19 26.51
C GLY B 173 -10.74 -14.11 26.91
N GLY B 174 -9.45 -14.45 26.91
CA GLY B 174 -8.40 -13.52 27.29
C GLY B 174 -8.63 -12.85 28.64
N PHE B 175 -8.64 -11.53 28.67
CA PHE B 175 -8.80 -10.77 29.91
C PHE B 175 -10.24 -10.78 30.47
N LEU B 176 -11.15 -11.51 29.83
CA LEU B 176 -12.49 -11.74 30.41
C LEU B 176 -12.43 -12.80 31.49
N SER B 177 -11.31 -13.53 31.57
CA SER B 177 -11.15 -14.56 32.60
C SER B 177 -9.97 -14.30 33.53
N HIS B 178 -10.16 -14.66 34.79
CA HIS B 178 -9.12 -14.52 35.82
C HIS B 178 -7.92 -15.42 35.48
N ARG B 179 -8.12 -16.39 34.60
CA ARG B 179 -7.06 -17.25 34.09
C ARG B 179 -5.88 -16.46 33.48
N ILE B 180 -6.17 -15.27 32.95
CA ILE B 180 -5.15 -14.44 32.34
C ILE B 180 -4.04 -14.06 33.33
N VAL B 181 -4.38 -13.95 34.63
CA VAL B 181 -3.38 -13.58 35.64
C VAL B 181 -2.13 -14.47 35.63
N ASP B 182 -2.26 -15.76 35.97
CA ASP B 182 -1.12 -16.69 35.96
C ASP B 182 -0.33 -16.77 34.64
N ASP B 183 -1.03 -16.74 33.50
CA ASP B 183 -0.33 -16.85 32.21
C ASP B 183 0.46 -15.59 31.92
N PHE B 184 -0.16 -14.44 32.20
CA PHE B 184 0.58 -13.18 32.13
C PHE B 184 1.80 -13.19 33.08
N CYS B 185 1.65 -13.82 34.23
CA CYS B 185 2.75 -13.90 35.19
C CYS B 185 3.92 -14.79 34.76
N GLU B 186 3.65 -15.94 34.12
CA GLU B 186 4.71 -16.79 33.56
C GLU B 186 5.43 -16.07 32.45
N TYR B 187 4.67 -15.37 31.62
CA TYR B 187 5.22 -14.60 30.49
C TYR B 187 6.15 -13.50 31.01
N ALA B 188 5.66 -12.75 32.00
CA ALA B 188 6.46 -11.72 32.66
C ALA B 188 7.76 -12.34 33.23
N GLU B 189 7.63 -13.42 34.02
CA GLU B 189 8.78 -14.03 34.65
C GLU B 189 9.77 -14.53 33.61
N PHE B 190 9.26 -15.08 32.50
CA PHE B 190 10.11 -15.52 31.43
C PHE B 190 10.94 -14.36 30.91
N CYS B 191 10.26 -13.27 30.55
CA CYS B 191 10.92 -12.08 30.07
C CYS B 191 11.98 -11.53 31.05
N PHE B 192 11.66 -11.47 32.35
CA PHE B 192 12.58 -10.94 33.36
C PHE B 192 13.81 -11.80 33.36
N TRP B 193 13.60 -13.11 33.35
CA TRP B 193 14.71 -14.03 33.33
C TRP B 193 15.51 -13.92 32.04
N GLU B 194 14.83 -13.94 30.89
CA GLU B 194 15.53 -14.02 29.63
C GLU B 194 16.27 -12.73 29.24
N PHE B 195 15.65 -11.58 29.51
CA PHE B 195 16.15 -10.31 29.01
C PHE B 195 16.61 -9.37 30.09
N GLY B 196 16.10 -9.59 31.31
CA GLY B 196 16.14 -8.61 32.39
C GLY B 196 17.51 -8.22 32.88
N ASP B 197 18.53 -9.03 32.59
CA ASP B 197 19.89 -8.69 32.99
C ASP B 197 20.43 -7.50 32.19
N LYS B 198 19.67 -7.00 31.22
CA LYS B 198 20.15 -5.84 30.46
C LYS B 198 19.06 -4.82 30.28
N ILE B 199 17.95 -5.00 30.97
CA ILE B 199 16.96 -3.96 30.94
C ILE B 199 16.66 -3.36 32.34
N LYS B 200 16.67 -2.02 32.41
CA LYS B 200 16.39 -1.31 33.65
C LYS B 200 14.95 -0.74 33.76
N TYR B 201 14.17 -0.78 32.67
CA TYR B 201 12.79 -0.27 32.73
C TYR B 201 11.77 -1.20 32.10
N TRP B 202 10.88 -1.70 32.94
CA TRP B 202 9.87 -2.65 32.54
C TRP B 202 8.49 -1.99 32.70
N THR B 203 7.66 -2.10 31.67
CA THR B 203 6.27 -1.69 31.76
C THR B 203 5.36 -2.92 31.60
N THR B 204 4.41 -3.12 32.51
CA THR B 204 3.46 -4.23 32.38
C THR B 204 2.49 -4.00 31.22
N PHE B 205 1.66 -2.96 31.35
CA PHE B 205 0.58 -2.69 30.42
C PHE B 205 0.73 -1.31 29.83
N ASN B 206 0.55 -1.18 28.51
CA ASN B 206 0.35 0.14 27.92
C ASN B 206 -1.12 0.44 27.68
N GLU B 207 -1.58 1.57 28.22
CA GLU B 207 -2.96 2.04 28.02
C GLU B 207 -4.04 0.95 28.27
N PRO B 208 -4.13 0.43 29.48
CA PRO B 208 -5.21 -0.51 29.80
C PRO B 208 -6.61 0.11 29.60
N HIS B 209 -6.78 1.44 29.72
CA HIS B 209 -8.08 2.06 29.45
C HIS B 209 -8.44 1.93 27.98
N THR B 210 -7.52 2.26 27.09
CA THR B 210 -7.81 2.20 25.66
C THR B 210 -8.10 0.76 25.25
N PHE B 211 -7.29 -0.18 25.73
CA PHE B 211 -7.55 -1.60 25.57
C PHE B 211 -8.95 -2.00 25.99
N ALA B 212 -9.33 -1.71 27.23
CA ALA B 212 -10.62 -2.14 27.75
C ALA B 212 -11.78 -1.45 27.02
N VAL B 213 -11.64 -0.15 26.80
CA VAL B 213 -12.76 0.64 26.26
C VAL B 213 -12.97 0.37 24.78
N ASN B 214 -11.91 0.47 24.01
CA ASN B 214 -12.01 0.30 22.57
C ASN B 214 -12.29 -1.15 22.16
N GLY B 215 -11.73 -2.09 22.92
CA GLY B 215 -11.94 -3.50 22.70
C GLY B 215 -13.23 -4.10 23.24
N TYR B 216 -13.77 -3.54 24.34
CA TYR B 216 -14.98 -4.13 24.96
C TYR B 216 -16.16 -3.21 25.19
N ALA B 217 -16.05 -1.95 24.82
CA ALA B 217 -17.18 -1.03 24.89
C ALA B 217 -17.55 -0.55 23.52
N LEU B 218 -16.55 -0.13 22.74
CA LEU B 218 -16.81 0.45 21.42
C LEU B 218 -16.75 -0.56 20.27
N GLY B 219 -16.03 -1.66 20.49
CA GLY B 219 -15.79 -2.65 19.46
C GLY B 219 -14.95 -2.10 18.32
N GLU B 220 -14.12 -1.12 18.64
CA GLU B 220 -13.30 -0.45 17.63
C GLU B 220 -11.92 -1.09 17.50
N PHE B 221 -11.49 -1.80 18.54
CA PHE B 221 -10.18 -2.42 18.61
C PHE B 221 -10.39 -3.89 18.96
N ALA B 222 -9.38 -4.72 18.67
CA ALA B 222 -9.39 -6.15 18.96
C ALA B 222 -9.69 -6.34 20.44
N PRO B 223 -10.56 -7.28 20.82
CA PRO B 223 -11.19 -8.24 19.92
C PRO B 223 -12.51 -7.81 19.28
N GLY B 224 -12.83 -6.52 19.30
CA GLY B 224 -13.97 -6.01 18.56
C GLY B 224 -15.32 -6.28 19.19
N ARG B 225 -15.38 -6.14 20.52
CA ARG B 225 -16.58 -6.45 21.28
C ARG B 225 -17.29 -5.21 21.78
N GLY B 226 -18.60 -5.32 22.02
CA GLY B 226 -19.30 -4.30 22.77
C GLY B 226 -20.09 -3.23 22.02
N GLY B 227 -19.84 -3.07 20.72
CA GLY B 227 -20.55 -2.07 19.92
C GLY B 227 -21.78 -2.62 19.23
N LYS B 228 -22.43 -1.79 18.42
CA LYS B 228 -23.59 -2.20 17.65
C LYS B 228 -23.21 -3.32 16.67
N GLY B 229 -23.89 -4.45 16.76
CA GLY B 229 -23.60 -5.60 15.91
C GLY B 229 -22.49 -6.54 16.41
N ASP B 230 -21.82 -6.18 17.51
CA ASP B 230 -20.73 -6.96 18.09
C ASP B 230 -21.18 -7.96 19.17
N GLU B 231 -20.25 -8.79 19.65
CA GLU B 231 -20.61 -9.95 20.47
C GLU B 231 -20.72 -9.76 22.00
N GLY B 232 -20.08 -8.74 22.60
CA GLY B 232 -20.09 -8.66 24.06
C GLY B 232 -21.24 -7.96 24.79
N ASP B 233 -20.88 -7.25 25.87
CA ASP B 233 -21.77 -6.39 26.63
C ASP B 233 -20.91 -5.20 27.12
N PRO B 234 -21.19 -4.00 26.60
CA PRO B 234 -20.41 -2.79 26.96
C PRO B 234 -20.66 -2.30 28.41
N ALA B 235 -21.65 -2.87 29.08
CA ALA B 235 -21.94 -2.51 30.46
C ALA B 235 -21.21 -3.42 31.44
N ILE B 236 -20.70 -4.56 30.96
CA ILE B 236 -20.10 -5.56 31.84
C ILE B 236 -18.63 -5.78 31.55
N GLU B 237 -18.32 -6.05 30.28
CA GLU B 237 -17.01 -6.59 29.91
C GLU B 237 -15.84 -5.61 30.06
N PRO B 238 -16.05 -4.30 29.86
CA PRO B 238 -14.95 -3.35 30.08
C PRO B 238 -14.45 -3.40 31.55
N TYR B 239 -15.39 -3.55 32.50
CA TYR B 239 -15.07 -3.59 33.92
C TYR B 239 -14.41 -4.91 34.35
N VAL B 240 -14.79 -6.00 33.70
CA VAL B 240 -14.19 -7.31 33.98
C VAL B 240 -12.75 -7.32 33.51
N VAL B 241 -12.54 -6.70 32.36
CA VAL B 241 -11.24 -6.65 31.70
C VAL B 241 -10.22 -5.85 32.48
N THR B 242 -10.54 -4.61 32.87
CA THR B 242 -9.55 -3.86 33.64
C THR B 242 -9.32 -4.45 35.03
N HIS B 243 -10.35 -5.09 35.59
CA HIS B 243 -10.18 -5.75 36.86
C HIS B 243 -9.09 -6.79 36.75
N ASN B 244 -9.14 -7.56 35.67
CA ASN B 244 -8.18 -8.62 35.40
C ASN B 244 -6.81 -8.08 34.99
N ILE B 245 -6.78 -6.93 34.30
CA ILE B 245 -5.51 -6.27 33.97
C ILE B 245 -4.81 -5.87 35.26
N LEU B 246 -5.57 -5.26 36.17
CA LEU B 246 -5.03 -4.76 37.42
C LEU B 246 -4.45 -5.89 38.26
N LEU B 247 -5.14 -7.03 38.28
CA LEU B 247 -4.64 -8.21 38.98
C LEU B 247 -3.41 -8.80 38.25
N ALA B 248 -3.40 -8.70 36.93
CA ALA B 248 -2.29 -9.26 36.16
C ALA B 248 -1.06 -8.37 36.32
N HIS B 249 -1.29 -7.06 36.19
CA HIS B 249 -0.26 -6.06 36.46
C HIS B 249 0.40 -6.35 37.83
N LYS B 250 -0.45 -6.62 38.83
CA LYS B 250 0.02 -6.75 40.20
C LYS B 250 0.92 -7.97 40.34
N ALA B 251 0.55 -9.06 39.68
CA ALA B 251 1.30 -10.28 39.78
C ALA B 251 2.70 -10.08 39.15
N ALA B 252 2.75 -9.44 37.98
CA ALA B 252 4.04 -9.14 37.32
C ALA B 252 4.95 -8.28 38.18
N VAL B 253 4.35 -7.30 38.86
CA VAL B 253 5.07 -6.37 39.71
C VAL B 253 5.67 -7.09 40.93
N GLU B 254 4.90 -7.94 41.60
CA GLU B 254 5.42 -8.73 42.72
C GLU B 254 6.56 -9.66 42.27
N GLU B 255 6.28 -10.43 41.21
CA GLU B 255 7.25 -11.25 40.51
C GLU B 255 8.58 -10.51 40.32
N TYR B 256 8.50 -9.30 39.78
CA TYR B 256 9.69 -8.49 39.55
C TYR B 256 10.34 -8.09 40.88
N ARG B 257 9.56 -7.42 41.76
CA ARG B 257 10.08 -6.94 43.05
C ARG B 257 10.73 -8.08 43.87
N ASN B 258 10.05 -9.24 43.94
CA ASN B 258 10.46 -10.33 44.80
C ASN B 258 11.63 -11.14 44.28
N LYS B 259 11.75 -11.26 42.95
CA LYS B 259 12.68 -12.22 42.36
C LYS B 259 13.67 -11.64 41.34
N PHE B 260 13.50 -10.38 40.94
CA PHE B 260 14.34 -9.80 39.89
C PHE B 260 14.91 -8.41 40.14
N GLN B 261 14.15 -7.54 40.82
CA GLN B 261 14.59 -6.15 41.11
C GLN B 261 15.96 -5.97 41.78
N LYS B 262 16.21 -6.74 42.85
CA LYS B 262 17.50 -6.63 43.54
C LYS B 262 18.70 -7.00 42.64
N CYS B 263 18.53 -8.03 41.82
CA CYS B 263 19.56 -8.51 40.89
C CYS B 263 19.81 -7.54 39.77
N GLN B 264 18.72 -7.19 39.08
CA GLN B 264 18.78 -6.50 37.79
C GLN B 264 18.73 -4.98 37.92
N GLU B 265 18.40 -4.50 39.13
CA GLU B 265 18.48 -3.07 39.47
C GLU B 265 17.62 -2.16 38.57
N GLY B 266 16.45 -2.66 38.17
CA GLY B 266 15.55 -1.91 37.31
C GLY B 266 14.27 -1.59 38.05
N GLU B 267 13.28 -1.13 37.30
CA GLU B 267 11.95 -0.84 37.85
C GLU B 267 10.85 -1.20 36.88
N ILE B 268 9.69 -1.59 37.42
CA ILE B 268 8.48 -1.91 36.66
C ILE B 268 7.42 -0.86 36.95
N GLY B 269 6.74 -0.37 35.92
CA GLY B 269 5.62 0.51 36.14
C GLY B 269 4.48 0.07 35.27
N ILE B 270 3.50 0.96 35.10
CA ILE B 270 2.41 0.81 34.13
C ILE B 270 2.27 2.13 33.39
N VAL B 271 1.77 2.12 32.15
CA VAL B 271 1.49 3.39 31.51
C VAL B 271 -0.01 3.66 31.29
N LEU B 272 -0.41 4.84 31.74
CA LEU B 272 -1.83 5.19 31.69
C LEU B 272 -2.04 6.34 30.71
N ASN B 273 -3.25 6.46 30.22
CA ASN B 273 -3.56 7.54 29.31
C ASN B 273 -4.72 8.34 29.88
N SER B 274 -4.69 9.64 29.59
CA SER B 274 -5.82 10.47 29.91
C SER B 274 -5.79 11.68 29.01
N MET B 275 -6.98 12.16 28.70
CA MET B 275 -7.16 13.50 28.21
C MET B 275 -7.13 14.38 29.46
N TRP B 276 -6.87 15.67 29.29
CA TRP B 276 -7.21 16.60 30.34
C TRP B 276 -8.69 16.97 30.22
N MET B 277 -9.37 17.03 31.36
CA MET B 277 -10.75 17.45 31.41
C MET B 277 -10.87 18.84 32.04
N GLU B 278 -11.26 19.83 31.23
CA GLU B 278 -11.49 21.18 31.73
C GLU B 278 -12.97 21.43 31.89
N PRO B 279 -13.38 21.96 33.04
CA PRO B 279 -14.79 22.32 33.22
C PRO B 279 -15.23 23.34 32.15
N LEU B 280 -16.36 23.07 31.51
CA LEU B 280 -16.85 23.90 30.42
C LEU B 280 -17.14 25.30 30.92
N SER B 281 -18.06 25.40 31.88
CA SER B 281 -18.22 26.61 32.68
C SER B 281 -17.65 26.35 34.09
N ASP B 282 -17.76 27.36 34.96
CA ASP B 282 -17.26 27.28 36.33
C ASP B 282 -18.30 26.82 37.38
N VAL B 283 -19.53 26.52 36.93
CA VAL B 283 -20.55 26.01 37.84
C VAL B 283 -20.10 24.68 38.47
N GLN B 284 -20.63 24.36 39.65
CA GLN B 284 -20.26 23.14 40.40
C GLN B 284 -20.48 21.87 39.60
N ALA B 285 -21.64 21.78 38.94
CA ALA B 285 -21.97 20.66 38.06
C ALA B 285 -20.82 20.29 37.11
N ASP B 286 -20.12 21.29 36.55
CA ASP B 286 -18.98 21.07 35.65
C ASP B 286 -17.68 20.70 36.36
N ILE B 287 -17.50 21.15 37.59
CA ILE B 287 -16.31 20.72 38.37
C ILE B 287 -16.48 19.28 38.83
N ASP B 288 -17.70 18.94 39.26
CA ASP B 288 -18.07 17.56 39.57
C ASP B 288 -17.93 16.66 38.35
N ALA B 289 -18.40 17.13 37.19
CA ALA B 289 -18.23 16.40 35.92
C ALA B 289 -16.74 16.07 35.61
N GLN B 290 -15.86 17.05 35.82
CA GLN B 290 -14.42 16.86 35.67
C GLN B 290 -13.87 15.77 36.59
N LYS B 291 -14.30 15.78 37.85
CA LYS B 291 -13.91 14.75 38.79
C LYS B 291 -14.27 13.38 38.25
N ARG B 292 -15.50 13.24 37.79
CA ARG B 292 -15.99 11.97 37.27
C ARG B 292 -15.25 11.52 36.01
N ALA B 293 -15.11 12.44 35.05
CA ALA B 293 -14.43 12.12 33.81
C ALA B 293 -13.03 11.62 34.09
N LEU B 294 -12.31 12.31 34.98
CA LEU B 294 -10.94 11.92 35.34
C LEU B 294 -10.94 10.57 36.09
N ASP B 295 -11.93 10.40 36.96
CA ASP B 295 -12.13 9.20 37.75
C ASP B 295 -12.26 7.99 36.87
N PHE B 296 -13.07 8.11 35.82
CA PHE B 296 -13.41 6.97 34.94
C PHE B 296 -12.35 6.62 33.90
N MET B 297 -11.58 7.61 33.48
CA MET B 297 -10.49 7.38 32.55
C MET B 297 -9.18 7.02 33.25
N LEU B 298 -8.84 7.73 34.33
CA LEU B 298 -7.53 7.58 34.95
C LEU B 298 -7.59 6.97 36.36
N GLY B 299 -8.59 7.40 37.15
CA GLY B 299 -8.77 6.91 38.50
C GLY B 299 -9.12 5.43 38.54
N TRP B 300 -9.80 4.96 37.48
CA TRP B 300 -10.13 3.55 37.26
C TRP B 300 -8.91 2.66 37.54
N PHE B 301 -7.73 3.16 37.19
CA PHE B 301 -6.49 2.43 37.36
C PHE B 301 -5.70 2.98 38.54
N LEU B 302 -5.66 4.31 38.63
CA LEU B 302 -4.76 4.95 39.60
C LEU B 302 -5.17 4.81 41.06
N GLU B 303 -6.46 4.88 41.32
CA GLU B 303 -7.02 4.68 42.66
C GLU B 303 -6.76 3.27 43.23
N PRO B 304 -7.11 2.21 42.52
CA PRO B 304 -6.71 0.86 42.96
C PRO B 304 -5.23 0.81 43.34
N LEU B 305 -4.40 1.48 42.55
CA LEU B 305 -2.95 1.46 42.75
C LEU B 305 -2.50 2.41 43.87
N THR B 306 -3.44 3.17 44.44
CA THR B 306 -3.11 4.06 45.56
C THR B 306 -3.75 3.64 46.88
N THR B 307 -5.07 3.42 46.90
CA THR B 307 -5.77 3.01 48.12
C THR B 307 -6.31 1.57 48.09
N GLY B 308 -6.09 0.86 46.99
CA GLY B 308 -6.60 -0.50 46.83
C GLY B 308 -8.09 -0.62 46.61
N ASP B 309 -8.66 0.29 45.83
CA ASP B 309 -10.10 0.36 45.56
C ASP B 309 -10.36 1.35 44.43
N TYR B 310 -11.54 1.24 43.82
CA TYR B 310 -11.93 2.10 42.70
C TYR B 310 -12.36 3.49 43.15
N PRO B 311 -12.30 4.49 42.27
CA PRO B 311 -12.89 5.81 42.55
C PRO B 311 -14.26 5.68 43.20
N LYS B 312 -14.67 6.63 44.03
CA LYS B 312 -15.96 6.46 44.67
C LYS B 312 -17.11 6.83 43.77
N SER B 313 -16.83 7.64 42.75
CA SER B 313 -17.81 7.97 41.73
C SER B 313 -18.19 6.69 40.94
N MET B 314 -17.15 5.92 40.60
CA MET B 314 -17.32 4.63 39.92
C MET B 314 -18.10 3.68 40.81
N ARG B 315 -17.61 3.39 42.02
CA ARG B 315 -18.34 2.58 42.99
C ARG B 315 -19.84 2.91 43.09
N GLU B 316 -20.14 4.21 43.10
CA GLU B 316 -21.52 4.68 43.35
C GLU B 316 -22.43 4.61 42.12
N LEU B 317 -21.84 4.85 40.95
CA LEU B 317 -22.61 4.90 39.69
C LEU B 317 -22.70 3.52 39.02
N VAL B 318 -21.64 2.71 39.19
CA VAL B 318 -21.52 1.44 38.49
C VAL B 318 -22.01 0.27 39.35
N LYS B 319 -21.99 0.44 40.67
CA LYS B 319 -22.57 -0.53 41.60
C LYS B 319 -22.08 -1.96 41.38
N GLY B 320 -23.01 -2.92 41.36
CA GLY B 320 -22.72 -4.33 41.19
C GLY B 320 -21.98 -4.71 39.91
N ARG B 321 -21.92 -3.80 38.95
CA ARG B 321 -21.20 -4.05 37.70
C ARG B 321 -19.69 -3.79 37.80
N LEU B 322 -19.28 -3.22 38.93
CA LEU B 322 -17.86 -3.03 39.24
C LEU B 322 -17.41 -4.11 40.24
N PRO B 323 -16.50 -4.99 39.82
CA PRO B 323 -16.01 -6.08 40.69
C PRO B 323 -15.29 -5.55 41.92
N LYS B 324 -15.28 -6.32 43.00
CA LYS B 324 -14.63 -5.91 44.24
C LYS B 324 -13.27 -6.59 44.31
N PHE B 325 -12.39 -6.04 45.14
CA PHE B 325 -11.08 -6.64 45.39
C PHE B 325 -11.15 -7.41 46.67
N SER B 326 -10.49 -8.58 46.73
CA SER B 326 -10.37 -9.30 48.01
C SER B 326 -9.49 -8.47 48.94
N ALA B 327 -9.66 -8.62 50.25
CA ALA B 327 -8.88 -7.79 51.18
C ALA B 327 -7.38 -7.82 50.81
N ASP B 328 -6.90 -9.02 50.46
CA ASP B 328 -5.49 -9.24 50.18
C ASP B 328 -5.06 -8.56 48.89
N ASP B 329 -5.91 -8.64 47.86
CA ASP B 329 -5.62 -7.96 46.59
C ASP B 329 -5.59 -6.45 46.80
N SER B 330 -6.59 -5.95 47.54
CA SER B 330 -6.72 -4.54 47.85
C SER B 330 -5.42 -4.00 48.43
N GLU B 331 -4.96 -4.64 49.50
CA GLU B 331 -3.79 -4.21 50.25
C GLU B 331 -2.53 -4.23 49.35
N LYS B 332 -2.40 -5.28 48.56
CA LYS B 332 -1.18 -5.46 47.77
C LYS B 332 -1.12 -4.54 46.55
N LEU B 333 -2.24 -3.94 46.18
CA LEU B 333 -2.31 -3.07 45.02
C LEU B 333 -1.84 -1.68 45.35
N LYS B 334 -1.84 -1.37 46.64
CA LYS B 334 -1.44 -0.05 47.13
C LYS B 334 0.03 0.18 46.85
N GLY B 335 0.29 1.19 46.02
CA GLY B 335 1.65 1.56 45.70
C GLY B 335 2.34 0.48 44.89
N CYS B 336 1.56 -0.36 44.22
CA CYS B 336 2.09 -1.46 43.41
C CYS B 336 2.55 -1.00 42.03
N TYR B 337 3.59 -0.17 42.00
CA TYR B 337 4.30 0.24 40.79
C TYR B 337 5.53 1.01 41.22
N ASP B 338 6.50 1.18 40.31
CA ASP B 338 7.69 1.96 40.64
C ASP B 338 7.66 3.29 39.99
N PHE B 339 6.86 3.40 38.93
CA PHE B 339 6.55 4.67 38.28
C PHE B 339 5.24 4.54 37.53
N ILE B 340 4.65 5.69 37.21
CA ILE B 340 3.50 5.78 36.34
C ILE B 340 3.95 6.51 35.10
N GLY B 341 3.87 5.82 33.96
CA GLY B 341 4.06 6.44 32.65
C GLY B 341 2.77 7.10 32.25
N MET B 342 2.88 8.27 31.64
CA MET B 342 1.72 9.03 31.22
C MET B 342 1.71 9.27 29.70
N ASN B 343 0.57 8.96 29.09
CA ASN B 343 0.34 9.19 27.67
C ASN B 343 -0.66 10.32 27.54
N TYR B 344 -0.28 11.38 26.85
CA TYR B 344 -1.16 12.53 26.69
C TYR B 344 -1.17 12.96 25.23
N TYR B 345 -2.34 13.38 24.75
CA TYR B 345 -2.51 13.84 23.38
C TYR B 345 -3.34 15.12 23.27
N THR B 346 -4.40 15.21 24.09
CA THR B 346 -5.32 16.34 24.01
C THR B 346 -6.16 16.55 25.28
N ALA B 347 -6.93 17.64 25.26
CA ALA B 347 -7.83 17.98 26.35
C ALA B 347 -9.21 18.30 25.80
N THR B 348 -10.23 18.15 26.63
CA THR B 348 -11.60 18.45 26.24
C THR B 348 -12.31 19.14 27.36
N TYR B 349 -13.22 20.07 27.02
CA TYR B 349 -14.16 20.59 28.01
C TYR B 349 -15.09 19.46 28.39
N VAL B 350 -15.86 19.71 29.45
CA VAL B 350 -16.58 18.67 30.17
C VAL B 350 -17.76 19.31 30.92
N THR B 351 -18.94 18.72 30.81
CA THR B 351 -20.12 19.14 31.57
C THR B 351 -21.03 17.97 31.95
N ASN B 352 -22.14 18.26 32.63
CA ASN B 352 -23.10 17.24 33.04
C ASN B 352 -23.94 16.73 31.85
N ALA B 353 -24.06 15.39 31.76
CA ALA B 353 -24.85 14.72 30.69
C ALA B 353 -26.36 14.96 30.86
N VAL B 354 -27.09 15.18 29.76
CA VAL B 354 -28.53 15.54 29.88
C VAL B 354 -29.48 14.34 29.94
N LEU B 361 -27.46 0.84 29.21
CA LEU B 361 -26.24 0.92 30.03
C LEU B 361 -24.97 0.63 29.22
N SER B 362 -23.94 1.44 29.42
CA SER B 362 -22.60 1.22 28.85
C SER B 362 -21.54 1.99 29.64
N TYR B 363 -20.32 1.47 29.67
CA TYR B 363 -19.19 2.18 30.25
C TYR B 363 -19.15 3.62 29.74
N GLU B 364 -19.30 3.79 28.42
CA GLU B 364 -19.20 5.11 27.78
C GLU B 364 -20.16 6.15 28.37
N THR B 365 -21.31 5.71 28.89
CA THR B 365 -22.26 6.63 29.50
C THR B 365 -22.34 6.56 31.04
N ASP B 366 -21.47 5.78 31.67
CA ASP B 366 -21.56 5.56 33.14
C ASP B 366 -21.08 6.75 33.96
N ASP B 367 -19.95 7.34 33.57
CA ASP B 367 -19.59 8.67 34.05
C ASP B 367 -20.64 9.54 33.41
N GLN B 368 -21.32 10.39 34.16
CA GLN B 368 -22.45 11.08 33.56
C GLN B 368 -22.00 12.37 32.87
N VAL B 369 -20.99 12.26 32.02
CA VAL B 369 -20.27 13.44 31.52
C VAL B 369 -20.30 13.58 29.99
N THR B 370 -20.83 14.71 29.52
CA THR B 370 -20.74 15.12 28.13
C THR B 370 -19.38 15.78 27.89
N LYS B 371 -18.64 15.30 26.91
CA LYS B 371 -17.39 15.95 26.52
C LYS B 371 -17.60 16.74 25.21
N THR B 372 -17.05 17.95 25.14
CA THR B 372 -17.10 18.73 23.92
C THR B 372 -15.78 19.49 23.80
N PHE B 373 -15.35 19.76 22.57
CA PHE B 373 -14.11 20.50 22.35
C PHE B 373 -14.33 22.00 22.23
N GLU B 374 -15.58 22.46 22.35
CA GLU B 374 -15.87 23.89 22.19
C GLU B 374 -16.48 24.55 23.40
N ARG B 375 -16.19 25.84 23.55
CA ARG B 375 -16.75 26.62 24.64
C ARG B 375 -17.92 27.48 24.13
N ASN B 376 -17.62 28.39 23.22
CA ASN B 376 -18.69 29.18 22.61
C ASN B 376 -18.44 29.16 21.11
N GLN B 377 -18.50 27.95 20.55
CA GLN B 377 -18.09 27.68 19.17
C GLN B 377 -16.57 27.89 18.98
N LYS B 378 -15.85 28.21 20.05
CA LYS B 378 -14.38 28.32 20.02
C LYS B 378 -13.68 27.05 20.55
N PRO B 379 -12.97 26.34 19.68
CA PRO B 379 -12.29 25.09 20.07
C PRO B 379 -11.21 25.32 21.13
N ILE B 380 -10.97 24.29 21.92
CA ILE B 380 -10.04 24.34 23.05
C ILE B 380 -8.59 24.55 22.58
N GLY B 381 -8.33 24.19 21.32
CA GLY B 381 -7.02 24.30 20.70
C GLY B 381 -7.12 23.92 19.25
N HIS B 382 -6.08 24.21 18.47
CA HIS B 382 -6.10 23.93 17.03
C HIS B 382 -6.44 22.44 16.74
N ALA B 383 -7.48 22.24 15.93
CA ALA B 383 -7.94 20.90 15.51
C ALA B 383 -6.98 20.27 14.50
N LEU B 384 -6.53 19.05 14.79
CA LEU B 384 -5.62 18.34 13.90
C LEU B 384 -6.42 17.45 12.97
N TYR B 385 -5.74 16.74 12.07
CA TYR B 385 -6.40 15.93 11.05
C TYR B 385 -7.22 14.85 11.76
N GLY B 386 -8.47 14.57 11.45
CA GLY B 386 -9.15 13.52 12.19
C GLY B 386 -10.27 14.08 13.03
N GLY B 387 -10.07 15.31 13.52
CA GLY B 387 -11.09 15.99 14.28
C GLY B 387 -11.09 15.71 15.79
N TRP B 388 -10.30 14.73 16.24
CA TRP B 388 -10.20 14.43 17.66
C TRP B 388 -9.09 15.22 18.37
N GLN B 389 -7.85 14.99 17.95
CA GLN B 389 -6.71 15.60 18.64
C GLN B 389 -6.66 17.11 18.39
N HIS B 390 -6.83 17.87 19.48
CA HIS B 390 -6.62 19.33 19.51
C HIS B 390 -5.32 19.60 20.25
N VAL B 391 -4.53 20.56 19.76
CA VAL B 391 -3.30 20.94 20.45
C VAL B 391 -3.60 21.86 21.65
N VAL B 392 -3.45 21.27 22.83
CA VAL B 392 -3.62 21.97 24.12
C VAL B 392 -2.44 21.59 25.03
N PRO B 393 -1.32 22.31 24.88
CA PRO B 393 -0.11 21.99 25.65
C PRO B 393 -0.33 22.10 27.15
N TRP B 394 -1.08 23.12 27.57
CA TRP B 394 -1.40 23.34 28.98
C TRP B 394 -2.24 22.22 29.63
N GLY B 395 -2.86 21.39 28.81
CA GLY B 395 -3.53 20.20 29.30
C GLY B 395 -2.56 19.20 29.92
N LEU B 396 -1.36 19.11 29.38
CA LEU B 396 -0.33 18.22 29.92
C LEU B 396 0.12 18.71 31.30
N TYR B 397 0.29 20.02 31.43
CA TYR B 397 0.66 20.62 32.70
C TYR B 397 -0.37 20.21 33.75
N LYS B 398 -1.65 20.52 33.47
CA LYS B 398 -2.74 20.33 34.42
C LYS B 398 -2.90 18.86 34.80
N LEU B 399 -2.77 17.97 33.82
CA LEU B 399 -2.92 16.55 34.06
C LEU B 399 -1.77 15.98 34.90
N LEU B 400 -0.59 16.54 34.72
CA LEU B 400 0.56 16.12 35.52
C LEU B 400 0.47 16.57 36.98
N VAL B 401 0.03 17.81 37.18
CA VAL B 401 -0.23 18.35 38.51
C VAL B 401 -1.38 17.59 39.18
N TYR B 402 -2.47 17.40 38.44
CA TYR B 402 -3.63 16.70 38.97
C TYR B 402 -3.24 15.32 39.53
N THR B 403 -2.51 14.57 38.72
CA THR B 403 -2.01 13.25 39.06
C THR B 403 -1.19 13.28 40.35
N LYS B 404 -0.24 14.21 40.45
CA LYS B 404 0.56 14.40 41.67
C LYS B 404 -0.33 14.70 42.87
N GLU B 405 -1.13 15.77 42.77
CA GLU B 405 -1.97 16.21 43.85
C GLU B 405 -2.93 15.12 44.32
N THR B 406 -3.48 14.34 43.36
CA THR B 406 -4.55 13.38 43.66
C THR B 406 -4.07 11.97 44.05
N TYR B 407 -2.97 11.51 43.47
CA TYR B 407 -2.50 10.15 43.69
C TYR B 407 -1.11 10.09 44.33
N HIS B 408 -0.50 11.27 44.48
CA HIS B 408 0.84 11.38 45.06
C HIS B 408 1.78 10.34 44.49
N VAL B 409 1.91 10.31 43.17
CA VAL B 409 2.82 9.35 42.57
C VAL B 409 4.28 9.81 42.73
N PRO B 410 5.09 8.96 43.34
CA PRO B 410 6.48 9.27 43.56
C PRO B 410 7.20 9.64 42.26
N VAL B 411 7.03 8.84 41.19
CA VAL B 411 7.81 9.00 39.96
C VAL B 411 6.94 8.94 38.72
N LEU B 412 6.96 9.99 37.92
CA LEU B 412 6.22 10.07 36.66
C LEU B 412 7.17 10.10 35.46
N TYR B 413 6.64 9.67 34.31
CA TYR B 413 7.23 9.96 33.00
C TYR B 413 6.14 10.36 32.02
N VAL B 414 6.52 11.12 31.02
CA VAL B 414 5.65 11.26 29.86
C VAL B 414 6.12 10.26 28.80
N THR B 415 5.52 9.08 28.83
CA THR B 415 5.91 7.96 27.96
C THR B 415 5.40 8.04 26.53
N GLU B 416 4.39 8.88 26.27
CA GLU B 416 3.89 9.12 24.93
C GLU B 416 3.38 10.52 24.82
N SER B 417 4.00 11.28 23.92
CA SER B 417 3.49 12.59 23.54
C SER B 417 3.77 12.77 22.07
N GLY B 418 2.75 13.19 21.32
CA GLY B 418 2.94 13.45 19.90
C GLY B 418 1.75 13.89 19.09
N MET B 419 1.93 14.08 17.78
CA MET B 419 0.86 14.66 16.99
C MET B 419 0.53 13.99 15.66
N VAL B 420 -0.76 13.97 15.37
CA VAL B 420 -1.30 13.30 14.20
C VAL B 420 -1.22 14.22 12.95
N GLU B 421 -0.74 13.62 11.87
CA GLU B 421 -0.60 14.30 10.60
C GLU B 421 -1.27 13.39 9.58
N GLU B 422 -1.95 13.99 8.62
CA GLU B 422 -2.62 13.27 7.55
C GLU B 422 -1.60 12.57 6.67
N ASN B 423 -1.85 11.32 6.28
CA ASN B 423 -1.00 10.71 5.27
C ASN B 423 -1.44 11.11 3.87
N LYS B 424 -0.85 12.21 3.40
CA LYS B 424 -1.07 12.73 2.07
C LYS B 424 -0.24 11.91 1.09
N THR B 425 -0.94 11.12 0.28
CA THR B 425 -0.37 10.53 -0.92
C THR B 425 -0.42 11.69 -1.90
N LYS B 426 0.40 11.70 -2.94
CA LYS B 426 0.25 12.80 -3.91
C LYS B 426 1.02 14.09 -3.60
N ILE B 427 1.82 14.07 -2.54
CA ILE B 427 2.85 15.10 -2.30
C ILE B 427 4.24 14.46 -2.28
N LEU B 428 5.28 15.24 -2.55
CA LEU B 428 6.64 14.68 -2.49
C LEU B 428 7.13 14.45 -1.05
N LEU B 429 8.12 13.56 -0.88
CA LEU B 429 8.88 13.43 0.37
C LEU B 429 9.45 14.80 0.79
N SER B 430 10.06 15.54 -0.15
CA SER B 430 10.56 16.88 0.14
C SER B 430 9.50 17.72 0.85
N GLU B 431 8.24 17.67 0.42
CA GLU B 431 7.18 18.40 1.13
C GLU B 431 6.74 17.76 2.45
N ALA B 432 6.46 16.45 2.41
CA ALA B 432 5.97 15.71 3.58
C ALA B 432 6.88 15.80 4.80
N ARG B 433 8.17 15.90 4.50
CA ARG B 433 9.29 16.00 5.45
C ARG B 433 9.19 17.20 6.36
N ARG B 434 8.68 18.30 5.81
CA ARG B 434 8.72 19.59 6.47
C ARG B 434 7.59 19.72 7.50
N ASP B 435 7.71 19.00 8.61
CA ASP B 435 6.67 18.96 9.62
C ASP B 435 6.84 20.01 10.73
N ALA B 436 6.89 21.27 10.32
CA ALA B 436 7.08 22.41 11.22
C ALA B 436 6.13 22.34 12.40
N GLU B 437 4.89 21.95 12.10
CA GLU B 437 3.82 21.87 13.09
C GLU B 437 4.11 20.88 14.22
N ARG B 438 4.76 19.77 13.88
CA ARG B 438 5.16 18.74 14.86
C ARG B 438 6.28 19.20 15.82
N THR B 439 7.28 19.88 15.28
CA THR B 439 8.34 20.52 16.05
C THR B 439 7.75 21.51 17.07
N ASP B 440 6.94 22.45 16.58
CA ASP B 440 6.20 23.38 17.41
C ASP B 440 5.40 22.64 18.48
N TYR B 441 4.63 21.65 18.08
CA TYR B 441 3.89 20.79 19.02
C TYR B 441 4.79 20.26 20.17
N HIS B 442 5.92 19.65 19.82
CA HIS B 442 6.85 19.11 20.83
C HIS B 442 7.52 20.15 21.74
N GLN B 443 7.91 21.28 21.14
CA GLN B 443 8.39 22.43 21.89
C GLN B 443 7.37 22.90 22.93
N LYS B 444 6.11 23.05 22.51
CA LYS B 444 5.09 23.59 23.40
C LYS B 444 4.78 22.64 24.56
N HIS B 445 4.74 21.33 24.25
CA HIS B 445 4.53 20.29 25.25
C HIS B 445 5.71 20.10 26.21
N LEU B 446 6.92 20.27 25.70
CA LEU B 446 8.12 20.18 26.54
C LEU B 446 8.12 21.31 27.57
N ALA B 447 7.72 22.49 27.13
CA ALA B 447 7.61 23.66 27.99
C ALA B 447 6.59 23.43 29.10
N SER B 448 5.51 22.72 28.79
CA SER B 448 4.53 22.36 29.82
C SER B 448 5.07 21.32 30.80
N VAL B 449 5.92 20.40 30.31
CA VAL B 449 6.54 19.40 31.19
C VAL B 449 7.48 20.10 32.19
N ARG B 450 8.31 20.99 31.66
CA ARG B 450 9.24 21.78 32.47
C ARG B 450 8.50 22.64 33.51
N ASP B 451 7.43 23.32 33.09
CA ASP B 451 6.60 24.04 34.04
C ASP B 451 6.17 23.13 35.20
N ALA B 452 5.73 21.91 34.88
CA ALA B 452 5.31 20.97 35.89
C ALA B 452 6.48 20.56 36.79
N ILE B 453 7.66 20.34 36.23
CA ILE B 453 8.81 19.98 37.07
C ILE B 453 9.17 21.11 38.03
N ASP B 454 9.26 22.33 37.49
CA ASP B 454 9.49 23.53 38.30
C ASP B 454 8.48 23.70 39.44
N ASP B 455 7.25 23.23 39.23
CA ASP B 455 6.19 23.34 40.23
C ASP B 455 6.04 22.08 41.09
N GLY B 456 7.03 21.19 41.04
CA GLY B 456 7.14 20.17 42.05
C GLY B 456 6.80 18.74 41.70
N VAL B 457 6.33 18.51 40.46
CA VAL B 457 6.07 17.14 40.01
C VAL B 457 7.29 16.46 39.40
N ASN B 458 7.63 15.33 40.02
CA ASN B 458 8.74 14.52 39.65
C ASN B 458 8.55 13.77 38.30
N VAL B 459 8.55 14.52 37.20
CA VAL B 459 8.62 13.91 35.86
C VAL B 459 10.09 13.68 35.50
N LYS B 460 10.40 12.43 35.15
CA LYS B 460 11.79 12.01 34.99
C LYS B 460 12.21 11.71 33.57
N GLY B 461 11.34 11.98 32.60
CA GLY B 461 11.63 11.67 31.21
C GLY B 461 10.45 11.92 30.28
N TYR B 462 10.75 12.10 28.99
CA TYR B 462 9.78 12.40 27.95
C TYR B 462 10.09 11.61 26.66
N PHE B 463 9.08 10.89 26.17
CA PHE B 463 9.25 10.02 25.02
C PHE B 463 8.32 10.42 23.88
N VAL B 464 8.94 10.83 22.77
CA VAL B 464 8.21 11.10 21.55
C VAL B 464 7.54 9.81 21.06
N TRP B 465 6.25 9.93 20.71
CA TRP B 465 5.50 8.84 20.08
C TRP B 465 4.98 9.31 18.76
N SER B 466 5.17 8.56 17.68
CA SER B 466 6.02 7.39 17.64
C SER B 466 7.33 7.87 17.02
N PHE B 467 8.36 7.07 17.14
CA PHE B 467 9.58 7.41 16.48
C PHE B 467 9.38 7.36 14.98
N PHE B 468 8.78 6.27 14.53
CA PHE B 468 8.53 5.99 13.13
C PHE B 468 7.08 6.23 12.80
N ASP B 469 6.83 6.65 11.57
CA ASP B 469 5.51 6.41 10.99
C ASP B 469 5.28 4.92 11.03
N ASN B 470 4.15 4.52 11.62
CA ASN B 470 3.79 3.11 11.70
C ASN B 470 2.28 2.86 11.51
N PHE B 471 1.88 1.59 11.67
CA PHE B 471 0.49 1.16 11.56
C PHE B 471 -0.31 1.86 12.66
N GLU B 472 -1.56 2.20 12.39
CA GLU B 472 -2.31 3.02 13.33
C GLU B 472 -3.60 2.37 13.81
N TRP B 473 -3.54 1.05 14.05
CA TRP B 473 -4.68 0.30 14.56
C TRP B 473 -5.93 0.41 13.66
N ASN B 474 -7.04 0.93 14.18
CA ASN B 474 -8.22 1.01 13.34
C ASN B 474 -8.12 2.07 12.21
N LEU B 475 -7.07 2.87 12.23
CA LEU B 475 -6.86 3.93 11.27
C LEU B 475 -5.96 3.47 10.13
N GLY B 476 -5.33 2.30 10.32
CA GLY B 476 -4.53 1.70 9.29
C GLY B 476 -3.34 2.56 8.96
N TYR B 477 -3.28 3.05 7.74
CA TYR B 477 -2.15 3.85 7.29
C TYR B 477 -2.59 5.18 6.69
N ILE B 478 -3.71 5.70 7.15
CA ILE B 478 -4.19 6.99 6.66
C ILE B 478 -3.57 8.20 7.35
N CYS B 479 -2.78 7.98 8.39
CA CYS B 479 -2.10 9.07 9.10
C CYS B 479 -0.70 8.68 9.54
N ARG B 480 -0.01 9.66 10.13
CA ARG B 480 1.40 9.55 10.47
C ARG B 480 1.66 10.25 11.80
N TYR B 481 2.38 9.59 12.70
CA TYR B 481 2.80 10.18 13.97
C TYR B 481 4.33 10.33 14.16
N GLY B 482 5.13 9.84 13.23
CA GLY B 482 6.54 9.70 13.52
C GLY B 482 7.34 10.97 13.35
N ILE B 483 8.57 10.92 13.83
CA ILE B 483 9.53 11.98 13.48
C ILE B 483 10.45 11.45 12.38
N ILE B 484 10.36 10.15 12.16
CA ILE B 484 10.99 9.51 11.02
C ILE B 484 9.91 9.10 10.02
N HIS B 485 10.03 9.63 8.80
CA HIS B 485 9.14 9.24 7.72
C HIS B 485 9.41 7.81 7.30
N VAL B 486 8.34 7.07 7.12
CA VAL B 486 8.43 5.73 6.58
C VAL B 486 7.46 5.60 5.41
N ASP B 487 7.98 5.10 4.30
CA ASP B 487 7.16 4.71 3.15
C ASP B 487 6.39 3.42 3.46
N TYR B 488 5.07 3.53 3.48
CA TYR B 488 4.24 2.41 3.95
C TYR B 488 4.24 1.15 3.05
N LYS B 489 4.75 1.27 1.82
CA LYS B 489 4.94 0.11 0.96
C LYS B 489 6.42 -0.34 0.91
N SER B 490 7.29 0.59 0.54
CA SER B 490 8.70 0.29 0.32
C SER B 490 9.48 0.12 1.63
N PHE B 491 8.97 0.72 2.71
CA PHE B 491 9.61 0.70 4.02
C PHE B 491 10.87 1.59 4.14
N GLU B 492 11.07 2.46 3.15
CA GLU B 492 12.18 3.39 3.21
C GLU B 492 11.98 4.41 4.34
N ARG B 493 13.06 4.66 5.06
CA ARG B 493 13.08 5.55 6.21
C ARG B 493 13.76 6.85 5.81
N TYR B 494 13.21 7.98 6.25
CA TYR B 494 13.83 9.30 6.03
C TYR B 494 13.48 10.23 7.20
N PRO B 495 14.46 10.96 7.74
CA PRO B 495 14.21 11.83 8.91
C PRO B 495 13.37 13.02 8.52
N LYS B 496 12.41 13.40 9.36
CA LYS B 496 11.62 14.59 9.11
C LYS B 496 12.35 15.75 9.78
N GLU B 497 11.99 16.99 9.44
CA GLU B 497 12.60 18.14 10.11
C GLU B 497 12.51 18.05 11.63
N SER B 498 11.40 17.53 12.15
CA SER B 498 11.26 17.36 13.59
C SER B 498 12.32 16.43 14.16
N ALA B 499 12.68 15.39 13.42
CA ALA B 499 13.78 14.52 13.88
C ALA B 499 15.08 15.32 14.01
N ILE B 500 15.27 16.30 13.15
CA ILE B 500 16.48 17.13 13.23
C ILE B 500 16.43 18.14 14.38
N TRP B 501 15.26 18.74 14.62
CA TRP B 501 15.07 19.50 15.85
C TRP B 501 15.33 18.65 17.10
N TYR B 502 14.73 17.48 17.22
CA TYR B 502 14.94 16.64 18.41
C TYR B 502 16.42 16.37 18.62
N LYS B 503 17.13 16.11 17.52
CA LYS B 503 18.53 15.79 17.59
C LYS B 503 19.25 16.96 18.25
N ASN B 504 18.98 18.16 17.76
CA ASN B 504 19.56 19.38 18.28
C ASN B 504 19.15 19.62 19.72
N PHE B 505 17.87 19.41 20.03
CA PHE B 505 17.40 19.62 21.37
C PHE B 505 18.17 18.77 22.39
N ILE B 506 18.23 17.47 22.14
CA ILE B 506 18.90 16.55 23.06
C ILE B 506 20.37 16.89 23.27
N ALA B 507 21.00 17.46 22.24
CA ALA B 507 22.42 17.72 22.25
C ALA B 507 22.82 18.92 23.11
N GLY B 508 21.86 19.77 23.47
CA GLY B 508 22.11 21.03 24.17
C GLY B 508 22.70 20.86 25.57
N LYS B 509 22.54 19.80 26.18
#